data_5JFK
#
_entry.id   5JFK
#
_cell.length_a   92.336
_cell.length_b   92.336
_cell.length_c   250.127
_cell.angle_alpha   90.00
_cell.angle_beta   90.00
_cell.angle_gamma   90.00
#
_symmetry.space_group_name_H-M   'P 41'
#
loop_
_entity.id
_entity.type
_entity.pdbx_description
1 polymer 'Leucine-rich repeat receptor-like protein kinase TDR'
2 non-polymer 2-acetamido-2-deoxy-beta-D-glucopyranose
3 water water
#
_entity_poly.entity_id   1
_entity_poly.type   'polypeptide(L)'
_entity_poly.pdbx_seq_one_letter_code
;LKFSPQLLSLLSLKTSLSGPPSAFQDWKVPVNGQNDAVWCSWSGVVCDNVTAQVISLDLSHRNLSGRIPIQIRYLSSLLY
LNLSGNSLEGSFPTSIFDLTKLTTLDISRNSFDSSFPPGISKLKFLKVFNAFSNNFEGLLPSDVSRLRFLEELNFGGSYF
EGEIPAAYGGLQRLKFIHLAGNVLGGKLPPRLGLLTELQHMEIGYNHFNGNIPSEFALLSNLKYFDVSNCSLSGSLPQEL
GNLSNLETLFLFQNGFTGEIPESYSNLKSLKLLDFSSNQLSGSIPSGFSTLKNLTWLSLISNNLSGEVPEGIGELPELTT
LFLWNNNFTGVLPHKLGSNGKLETMDVSNNSFTGTIPSSLCHGNKLYKLILFSNMFEGELPKSLTRCESLWRFRSQNNRL
NGTIPIGFGSLRNLTFVDLSNNRFTDQIPADFATAPVLQYLNLSTNFFHRKLPENIWKAPNLQIFSASFSNLIGEIPNYV
GCKSFYRIELQGNSLNGTIPWDIGHCEKLLCLNLSQNHLNGIIPWEISTLPSIADVDLSHNLLTGTIPSDFGSSKTITTF
NVSYNQLIGPIPSGSFAHLNPSFFSSNEGLCGDLVGKPCNSDRFNAGNADIDG
;
_entity_poly.pdbx_strand_id   A,B
#
loop_
_chem_comp.id
_chem_comp.type
_chem_comp.name
_chem_comp.formula
NAG D-saccharide, beta linking 2-acetamido-2-deoxy-beta-D-glucopyranose 'C8 H15 N O6'
#
# COMPACT_ATOMS: atom_id res chain seq x y z
N LEU A 11 9.84 19.23 -37.91
CA LEU A 11 9.87 18.85 -39.32
C LEU A 11 10.73 17.61 -39.53
N SER A 12 10.51 16.60 -38.70
CA SER A 12 11.29 15.36 -38.79
C SER A 12 10.38 14.14 -38.94
N LEU A 13 10.92 12.97 -38.56
CA LEU A 13 10.22 11.69 -38.64
C LEU A 13 9.52 11.43 -39.97
N LYS A 14 9.86 12.23 -40.98
CA LYS A 14 9.27 12.17 -42.32
C LYS A 14 7.82 12.66 -42.31
N THR A 15 7.57 13.71 -41.56
CA THR A 15 6.25 14.34 -41.49
C THR A 15 5.97 15.11 -42.78
N SER A 16 6.64 16.24 -42.93
CA SER A 16 6.55 17.00 -44.16
C SER A 16 7.39 16.30 -45.22
N LEU A 17 6.74 15.97 -46.33
CA LEU A 17 7.40 15.36 -47.50
C LEU A 17 8.78 15.91 -47.64
N SER A 18 8.82 17.22 -47.88
CA SER A 18 10.04 17.99 -47.96
C SER A 18 10.65 17.74 -49.33
N LYS A 28 4.28 10.30 -53.58
CA LYS A 28 4.83 9.21 -54.38
C LYS A 28 6.28 8.96 -53.97
N VAL A 29 6.57 9.25 -52.71
CA VAL A 29 7.93 9.13 -52.19
C VAL A 29 7.80 8.62 -50.75
N PRO A 30 8.64 7.67 -50.32
CA PRO A 30 8.41 7.16 -48.97
C PRO A 30 8.97 7.97 -47.83
N VAL A 31 8.23 7.75 -46.76
CA VAL A 31 8.30 8.38 -45.47
C VAL A 31 8.02 7.26 -44.49
N ASN A 32 8.52 6.07 -44.82
CA ASN A 32 8.47 4.94 -43.93
C ASN A 32 9.74 4.87 -43.15
N GLY A 33 9.69 5.23 -41.87
CA GLY A 33 10.92 5.29 -41.13
C GLY A 33 11.45 4.05 -40.41
N GLN A 34 10.74 2.93 -40.46
CA GLN A 34 11.07 1.79 -39.61
C GLN A 34 11.63 0.64 -40.49
N ASN A 35 11.60 -0.60 -39.99
CA ASN A 35 12.27 -1.77 -40.59
C ASN A 35 13.77 -1.59 -40.43
N ASP A 36 14.34 -2.22 -39.41
CA ASP A 36 15.65 -1.83 -38.89
C ASP A 36 16.73 -1.87 -39.97
N ALA A 37 16.66 -0.90 -40.86
CA ALA A 37 17.54 -0.88 -42.00
C ALA A 37 18.82 -0.18 -41.60
N VAL A 38 19.91 -0.62 -42.22
CA VAL A 38 21.17 0.06 -42.08
C VAL A 38 21.04 1.39 -42.79
N TRP A 39 22.11 2.16 -42.84
CA TRP A 39 21.93 3.48 -43.44
C TRP A 39 23.14 4.13 -44.10
N CYS A 40 22.79 5.09 -44.95
CA CYS A 40 23.56 5.91 -45.89
C CYS A 40 22.65 6.15 -47.11
N SER A 41 21.83 5.17 -47.45
CA SER A 41 20.82 5.37 -48.50
C SER A 41 19.38 5.04 -48.09
N TRP A 42 19.14 4.53 -46.89
CA TRP A 42 17.76 4.42 -46.46
C TRP A 42 17.22 5.86 -46.36
N SER A 43 18.09 6.72 -45.83
CA SER A 43 17.97 8.18 -46.04
C SER A 43 18.83 8.42 -47.26
N GLY A 44 19.74 9.40 -47.20
CA GLY A 44 20.60 9.71 -48.34
C GLY A 44 19.62 10.40 -49.28
N VAL A 45 18.51 9.69 -49.44
CA VAL A 45 17.29 10.14 -50.02
C VAL A 45 16.78 11.27 -49.08
N VAL A 46 16.70 11.05 -47.78
CA VAL A 46 16.06 12.05 -46.88
C VAL A 46 16.84 13.40 -46.89
N CYS A 47 18.02 13.41 -47.50
CA CYS A 47 18.72 14.66 -47.79
C CYS A 47 18.58 14.97 -49.28
N ASP A 48 18.26 13.98 -50.14
CA ASP A 48 18.04 14.23 -51.59
C ASP A 48 17.09 15.36 -51.82
N ASN A 49 16.06 15.34 -51.00
CA ASN A 49 15.05 16.36 -50.98
C ASN A 49 15.80 17.59 -50.52
N VAL A 50 16.32 18.29 -51.52
CA VAL A 50 17.24 19.42 -51.40
C VAL A 50 16.84 20.32 -50.24
N THR A 51 15.55 20.25 -49.93
CA THR A 51 14.83 20.97 -48.87
C THR A 51 15.56 21.97 -48.01
N ALA A 52 15.04 23.18 -48.04
CA ALA A 52 15.37 24.19 -47.07
C ALA A 52 14.20 24.36 -46.09
N GLN A 53 13.24 23.43 -46.14
CA GLN A 53 12.10 23.46 -45.23
C GLN A 53 12.30 22.54 -44.02
N VAL A 54 13.49 21.94 -43.92
CA VAL A 54 13.78 21.01 -42.83
C VAL A 54 14.61 21.67 -41.74
N ILE A 55 14.00 21.85 -40.58
CA ILE A 55 14.63 22.55 -39.47
C ILE A 55 15.01 21.60 -38.32
N SER A 56 14.32 20.46 -38.27
CA SER A 56 14.59 19.48 -37.22
C SER A 56 14.63 18.08 -37.78
N LEU A 57 15.66 17.32 -37.41
CA LEU A 57 15.84 15.95 -37.87
C LEU A 57 16.06 15.02 -36.68
N ASP A 58 15.06 14.23 -36.35
CA ASP A 58 15.15 13.33 -35.20
C ASP A 58 15.11 11.88 -35.65
N LEU A 59 16.30 11.30 -35.83
CA LEU A 59 16.43 9.93 -36.28
C LEU A 59 16.89 9.03 -35.14
N SER A 60 16.48 9.38 -33.93
CA SER A 60 16.90 8.65 -32.74
C SER A 60 16.17 7.32 -32.60
N HIS A 61 16.89 6.32 -32.09
CA HIS A 61 16.33 5.01 -31.77
C HIS A 61 15.57 4.37 -32.92
N ARG A 62 16.25 4.23 -34.06
CA ARG A 62 15.71 3.50 -35.20
C ARG A 62 16.61 2.32 -35.53
N ASN A 63 17.44 1.93 -34.56
CA ASN A 63 18.39 0.84 -34.71
C ASN A 63 19.29 0.99 -35.94
N LEU A 64 19.56 2.24 -36.30
CA LEU A 64 20.32 2.56 -37.52
C LEU A 64 21.79 2.19 -37.43
N SER A 65 22.40 1.91 -38.58
CA SER A 65 23.84 1.65 -38.65
C SER A 65 24.42 2.16 -39.96
N GLY A 66 25.70 2.52 -39.93
CA GLY A 66 26.37 3.04 -41.10
C GLY A 66 27.06 4.37 -40.85
N ARG A 67 27.22 5.16 -41.91
CA ARG A 67 27.89 6.46 -41.80
C ARG A 67 26.93 7.60 -42.12
N ILE A 68 27.26 8.79 -41.66
CA ILE A 68 26.56 9.99 -42.10
C ILE A 68 27.10 10.34 -43.48
N PRO A 69 26.20 10.50 -44.46
CA PRO A 69 26.64 10.77 -45.83
C PRO A 69 27.05 12.22 -45.97
N ILE A 70 28.05 12.47 -46.79
CA ILE A 70 28.50 13.82 -47.06
C ILE A 70 27.37 14.77 -47.46
N GLN A 71 26.40 14.29 -48.25
CA GLN A 71 25.32 15.12 -48.75
C GLN A 71 24.51 15.83 -47.67
N ILE A 72 24.68 15.43 -46.41
CA ILE A 72 23.89 16.00 -45.31
C ILE A 72 24.08 17.51 -45.17
N ARG A 73 25.19 18.02 -45.73
CA ARG A 73 25.47 19.46 -45.68
C ARG A 73 24.41 20.34 -46.33
N TYR A 74 23.53 19.75 -47.12
CA TYR A 74 22.54 20.53 -47.87
C TYR A 74 21.31 20.85 -47.03
N LEU A 75 21.20 20.21 -45.86
CA LEU A 75 20.20 20.60 -44.88
C LEU A 75 20.70 21.84 -44.11
N SER A 76 20.96 22.91 -44.86
CA SER A 76 21.65 24.08 -44.33
C SER A 76 20.82 24.86 -43.33
N SER A 77 19.56 24.49 -43.17
CA SER A 77 18.64 25.21 -42.29
C SER A 77 18.41 24.45 -40.99
N LEU A 78 19.15 23.37 -40.79
CA LEU A 78 18.96 22.51 -39.62
C LEU A 78 19.28 23.25 -38.33
N LEU A 79 18.36 23.18 -37.37
CA LEU A 79 18.57 23.76 -36.05
C LEU A 79 18.77 22.64 -35.04
N TYR A 80 18.05 21.54 -35.26
CA TYR A 80 18.01 20.43 -34.33
C TYR A 80 18.35 19.11 -35.02
N LEU A 81 19.36 18.41 -34.50
CA LEU A 81 19.77 17.12 -35.04
C LEU A 81 20.01 16.09 -33.93
N ASN A 82 19.14 15.09 -33.87
CA ASN A 82 19.26 14.06 -32.85
C ASN A 82 19.47 12.70 -33.52
N LEU A 83 20.65 12.14 -33.34
CA LEU A 83 21.01 10.86 -33.96
C LEU A 83 21.31 9.84 -32.87
N SER A 84 20.85 10.13 -31.66
CA SER A 84 21.20 9.33 -30.49
C SER A 84 20.51 7.97 -30.46
N GLY A 85 21.14 7.02 -29.77
CA GLY A 85 20.59 5.69 -29.59
C GLY A 85 20.49 4.87 -30.87
N ASN A 86 21.57 4.89 -31.65
CA ASN A 86 21.69 4.02 -32.81
C ASN A 86 23.00 3.25 -32.74
N SER A 87 23.47 2.78 -33.90
CA SER A 87 24.74 2.06 -33.97
C SER A 87 25.64 2.69 -35.01
N LEU A 88 25.48 4.00 -35.18
CA LEU A 88 26.33 4.79 -36.06
C LEU A 88 27.80 4.57 -35.72
N GLU A 89 28.64 4.46 -36.74
CA GLU A 89 30.04 4.12 -36.50
C GLU A 89 30.96 4.91 -37.44
N GLY A 90 32.25 4.61 -37.41
CA GLY A 90 33.24 5.38 -38.12
C GLY A 90 33.60 6.63 -37.34
N SER A 91 34.48 7.45 -37.91
CA SER A 91 34.87 8.69 -37.27
C SER A 91 33.73 9.71 -37.43
N PHE A 92 33.73 10.73 -36.58
CA PHE A 92 32.70 11.76 -36.65
C PHE A 92 32.70 12.44 -38.03
N PRO A 93 31.51 12.57 -38.63
CA PRO A 93 31.33 13.17 -39.96
C PRO A 93 31.53 14.68 -39.95
N THR A 94 32.65 15.11 -40.53
CA THR A 94 32.99 16.53 -40.65
C THR A 94 31.89 17.33 -41.32
N SER A 95 31.18 16.69 -42.26
CA SER A 95 30.10 17.33 -43.00
C SER A 95 29.04 17.99 -42.11
N ILE A 96 28.82 17.42 -40.93
CA ILE A 96 27.87 17.98 -39.97
C ILE A 96 28.25 19.41 -39.58
N PHE A 97 29.54 19.69 -39.55
CA PHE A 97 30.05 21.02 -39.22
C PHE A 97 29.62 22.10 -40.21
N ASP A 98 29.17 21.69 -41.39
CA ASP A 98 28.68 22.63 -42.39
C ASP A 98 27.21 22.97 -42.18
N LEU A 99 26.62 22.44 -41.12
CA LEU A 99 25.26 22.80 -40.72
C LEU A 99 25.33 24.00 -39.77
N THR A 100 25.58 25.17 -40.32
CA THR A 100 25.93 26.37 -39.55
C THR A 100 24.86 26.85 -38.58
N LYS A 101 23.59 26.57 -38.88
CA LYS A 101 22.52 27.04 -38.01
C LYS A 101 22.12 25.98 -36.99
N LEU A 102 22.96 24.95 -36.85
CA LEU A 102 22.78 23.95 -35.80
C LEU A 102 22.83 24.62 -34.43
N THR A 103 21.81 24.35 -33.61
CA THR A 103 21.75 24.96 -32.28
C THR A 103 21.88 23.88 -31.21
N THR A 104 21.39 22.68 -31.49
CA THR A 104 21.60 21.53 -30.61
C THR A 104 21.99 20.30 -31.42
N LEU A 105 22.94 19.54 -30.91
CA LEU A 105 23.45 18.36 -31.61
C LEU A 105 23.55 17.17 -30.66
N ASP A 106 22.82 16.11 -30.95
CA ASP A 106 22.82 14.93 -30.11
C ASP A 106 23.27 13.70 -30.88
N ILE A 107 24.44 13.19 -30.52
CA ILE A 107 25.01 12.02 -31.17
C ILE A 107 25.36 10.99 -30.10
N SER A 108 24.76 11.16 -28.93
CA SER A 108 25.03 10.29 -27.80
C SER A 108 24.57 8.86 -28.05
N ARG A 109 25.11 7.93 -27.27
CA ARG A 109 24.78 6.51 -27.39
C ARG A 109 24.91 5.97 -28.82
N ASN A 110 26.11 6.13 -29.39
CA ASN A 110 26.46 5.54 -30.67
C ASN A 110 27.83 4.87 -30.58
N SER A 111 28.43 4.57 -31.73
CA SER A 111 29.70 3.86 -31.75
C SER A 111 30.78 4.61 -32.53
N PHE A 112 30.71 5.94 -32.54
CA PHE A 112 31.72 6.76 -33.20
C PHE A 112 33.08 6.57 -32.56
N ASP A 113 34.12 6.36 -33.37
CA ASP A 113 35.47 6.16 -32.83
C ASP A 113 36.48 7.16 -33.41
N SER A 114 37.75 6.90 -33.11
CA SER A 114 38.88 7.76 -33.50
C SER A 114 38.87 9.07 -32.73
N SER A 115 39.87 9.92 -32.97
CA SER A 115 39.94 11.23 -32.35
C SER A 115 38.80 12.10 -32.86
N PHE A 116 38.29 12.98 -32.01
CA PHE A 116 37.24 13.90 -32.45
C PHE A 116 37.87 14.97 -33.33
N PRO A 117 37.41 15.07 -34.58
CA PRO A 117 38.01 15.98 -35.56
C PRO A 117 37.76 17.45 -35.22
N PRO A 118 38.72 18.32 -35.56
CA PRO A 118 38.56 19.76 -35.34
C PRO A 118 37.57 20.36 -36.35
N GLY A 119 36.95 21.47 -35.99
CA GLY A 119 36.03 22.14 -36.90
C GLY A 119 34.66 22.43 -36.32
N ILE A 120 34.46 22.07 -35.05
CA ILE A 120 33.18 22.31 -34.38
C ILE A 120 32.87 23.80 -34.34
N SER A 121 33.92 24.61 -34.40
CA SER A 121 33.83 26.07 -34.33
C SER A 121 32.78 26.69 -35.26
N LYS A 122 32.64 26.17 -36.46
CA LYS A 122 31.72 26.75 -37.44
C LYS A 122 30.27 26.69 -36.96
N LEU A 123 30.02 25.81 -35.99
CA LEU A 123 28.71 25.74 -35.35
C LEU A 123 28.62 26.78 -34.24
N LYS A 124 28.72 28.05 -34.61
CA LYS A 124 28.86 29.12 -33.61
C LYS A 124 27.57 29.36 -32.83
N PHE A 125 26.46 28.83 -33.31
CA PHE A 125 25.19 28.96 -32.60
C PHE A 125 24.85 27.75 -31.74
N LEU A 126 25.80 26.83 -31.62
CA LEU A 126 25.58 25.61 -30.86
C LEU A 126 25.37 25.89 -29.37
N LYS A 127 24.28 25.38 -28.81
CA LYS A 127 23.94 25.56 -27.41
C LYS A 127 24.03 24.23 -26.66
N VAL A 128 23.75 23.14 -27.37
CA VAL A 128 23.71 21.82 -26.76
C VAL A 128 24.51 20.81 -27.57
N PHE A 129 25.57 20.27 -26.96
CA PHE A 129 26.30 19.18 -27.57
C PHE A 129 26.38 17.99 -26.63
N ASN A 130 25.69 16.91 -26.99
CA ASN A 130 25.68 15.70 -26.17
C ASN A 130 26.20 14.54 -27.00
N ALA A 131 27.33 13.98 -26.58
CA ALA A 131 27.97 12.89 -27.30
C ALA A 131 28.27 11.75 -26.34
N PHE A 132 27.48 11.70 -25.27
CA PHE A 132 27.66 10.72 -24.20
C PHE A 132 27.58 9.29 -24.74
N SER A 133 28.46 8.44 -24.23
CA SER A 133 28.52 7.02 -24.61
C SER A 133 28.83 6.84 -26.09
N ASN A 134 30.12 6.89 -26.40
CA ASN A 134 30.61 6.62 -27.74
C ASN A 134 31.94 5.89 -27.63
N ASN A 135 32.66 5.78 -28.74
CA ASN A 135 33.94 5.08 -28.74
C ASN A 135 35.09 6.01 -29.07
N PHE A 136 34.92 7.31 -28.77
CA PHE A 136 35.94 8.30 -29.07
C PHE A 136 37.20 8.03 -28.26
N GLU A 137 38.35 8.31 -28.87
CA GLU A 137 39.62 8.25 -28.15
C GLU A 137 40.45 9.48 -28.46
N GLY A 138 41.68 9.50 -27.96
CA GLY A 138 42.53 10.67 -28.12
C GLY A 138 42.16 11.79 -27.17
N LEU A 139 42.57 13.00 -27.52
CA LEU A 139 42.37 14.17 -26.67
C LEU A 139 40.98 14.79 -26.84
N LEU A 140 40.45 15.34 -25.76
CA LEU A 140 39.26 16.18 -25.84
C LEU A 140 39.55 17.31 -26.81
N PRO A 141 38.61 17.57 -27.74
CA PRO A 141 38.82 18.64 -28.72
C PRO A 141 38.93 20.00 -28.05
N SER A 142 40.10 20.64 -28.17
CA SER A 142 40.28 21.99 -27.65
C SER A 142 39.38 22.98 -28.40
N ASP A 143 39.05 22.61 -29.64
CA ASP A 143 38.16 23.38 -30.52
C ASP A 143 36.90 23.91 -29.83
N VAL A 144 36.28 23.07 -28.99
CA VAL A 144 35.00 23.41 -28.34
C VAL A 144 35.00 24.76 -27.61
N SER A 145 36.17 25.18 -27.13
CA SER A 145 36.28 26.38 -26.32
C SER A 145 35.92 27.68 -27.07
N ARG A 146 35.61 27.57 -28.35
CA ARG A 146 35.26 28.76 -29.14
C ARG A 146 33.77 28.83 -29.42
N LEU A 147 33.01 27.87 -28.90
CA LEU A 147 31.56 27.92 -28.94
C LEU A 147 31.05 28.67 -27.72
N ARG A 148 30.87 29.98 -27.84
CA ARG A 148 30.58 30.80 -26.67
C ARG A 148 29.10 31.13 -26.59
N PHE A 149 28.29 30.28 -27.20
CA PHE A 149 26.86 30.20 -26.91
C PHE A 149 26.53 28.86 -26.23
N LEU A 150 27.53 28.00 -26.13
CA LEU A 150 27.32 26.63 -25.66
C LEU A 150 26.90 26.58 -24.19
N GLU A 151 25.93 25.74 -23.88
CA GLU A 151 25.40 25.64 -22.53
C GLU A 151 25.55 24.24 -21.93
N GLU A 152 25.24 23.21 -22.72
CA GLU A 152 25.39 21.83 -22.26
C GLU A 152 26.49 21.11 -23.05
N LEU A 153 27.43 20.52 -22.34
CA LEU A 153 28.50 19.74 -22.98
C LEU A 153 28.64 18.37 -22.33
N ASN A 154 28.37 17.33 -23.10
CA ASN A 154 28.45 15.96 -22.59
C ASN A 154 29.37 15.10 -23.46
N PHE A 155 30.56 14.85 -22.95
CA PHE A 155 31.54 14.03 -23.64
C PHE A 155 31.92 12.81 -22.81
N GLY A 156 31.07 12.48 -21.85
CA GLY A 156 31.25 11.32 -21.02
C GLY A 156 31.03 10.00 -21.72
N GLY A 157 31.53 8.93 -21.12
CA GLY A 157 31.20 7.58 -21.57
C GLY A 157 31.93 7.13 -22.81
N SER A 158 33.10 7.70 -23.06
CA SER A 158 33.94 7.27 -24.17
C SER A 158 35.30 6.84 -23.65
N TYR A 159 36.33 7.00 -24.49
CA TYR A 159 37.67 6.61 -24.10
C TYR A 159 38.63 7.77 -24.31
N PHE A 160 38.15 8.98 -24.01
CA PHE A 160 38.96 10.18 -24.16
C PHE A 160 40.18 10.11 -23.23
N GLU A 161 41.27 10.70 -23.68
CA GLU A 161 42.53 10.63 -22.95
C GLU A 161 43.13 12.02 -22.74
N GLY A 162 44.09 12.12 -21.84
CA GLY A 162 44.77 13.38 -21.61
C GLY A 162 44.12 14.25 -20.56
N GLU A 163 44.46 15.53 -20.60
CA GLU A 163 43.96 16.50 -19.64
C GLU A 163 42.73 17.23 -20.14
N ILE A 164 42.01 17.85 -19.21
CA ILE A 164 40.95 18.78 -19.58
C ILE A 164 41.60 20.06 -20.09
N PRO A 165 41.32 20.42 -21.35
CA PRO A 165 41.88 21.67 -21.89
C PRO A 165 41.44 22.87 -21.07
N ALA A 166 42.40 23.56 -20.46
CA ALA A 166 42.12 24.71 -19.61
C ALA A 166 41.27 25.77 -20.32
N ALA A 167 41.27 25.73 -21.65
CA ALA A 167 40.50 26.67 -22.45
C ALA A 167 39.01 26.41 -22.37
N TYR A 168 38.62 25.25 -21.83
CA TYR A 168 37.21 24.94 -21.63
C TYR A 168 36.58 25.86 -20.58
N GLY A 169 37.41 26.46 -19.74
CA GLY A 169 36.93 27.38 -18.72
C GLY A 169 36.58 28.74 -19.30
N GLY A 170 36.84 28.89 -20.59
CA GLY A 170 36.50 30.08 -21.36
C GLY A 170 35.07 30.05 -21.86
N LEU A 171 34.41 28.93 -21.60
CA LEU A 171 33.00 28.72 -21.94
C LEU A 171 32.00 29.35 -20.96
N GLN A 172 31.75 30.65 -21.02
CA GLN A 172 30.67 31.19 -20.19
C GLN A 172 29.34 30.90 -20.90
N ARG A 173 28.22 31.11 -20.20
CA ARG A 173 26.90 30.58 -20.56
C ARG A 173 26.83 29.06 -20.36
N LEU A 174 27.99 28.40 -20.29
CA LEU A 174 28.02 26.95 -20.11
C LEU A 174 27.56 26.62 -18.70
N LYS A 175 26.53 25.79 -18.58
CA LYS A 175 25.96 25.49 -17.28
C LYS A 175 25.93 23.99 -16.97
N PHE A 176 26.29 23.17 -17.95
CA PHE A 176 26.30 21.72 -17.76
C PHE A 176 27.51 21.12 -18.46
N ILE A 177 28.37 20.44 -17.71
CA ILE A 177 29.46 19.71 -18.32
C ILE A 177 29.59 18.30 -17.74
N HIS A 178 29.68 17.33 -18.65
CA HIS A 178 29.78 15.92 -18.28
C HIS A 178 30.95 15.31 -19.05
N LEU A 179 31.93 14.79 -18.33
CA LEU A 179 33.10 14.17 -18.95
C LEU A 179 33.42 12.86 -18.24
N ALA A 180 32.48 12.40 -17.42
CA ALA A 180 32.66 11.19 -16.64
C ALA A 180 32.76 9.93 -17.51
N GLY A 181 33.56 8.96 -17.05
CA GLY A 181 33.65 7.68 -17.72
C GLY A 181 34.52 7.69 -18.95
N ASN A 182 35.65 8.39 -18.85
CA ASN A 182 36.69 8.31 -19.88
C ASN A 182 37.96 7.78 -19.27
N VAL A 183 39.10 8.14 -19.87
CA VAL A 183 40.40 7.77 -19.34
C VAL A 183 41.22 9.06 -19.22
N LEU A 184 40.54 10.12 -18.78
CA LEU A 184 41.20 11.42 -18.62
C LEU A 184 42.05 11.41 -17.36
N GLY A 185 42.99 12.33 -17.27
CA GLY A 185 43.86 12.41 -16.11
C GLY A 185 44.58 13.73 -15.99
N GLY A 186 45.68 13.73 -15.23
CA GLY A 186 46.40 14.94 -14.94
C GLY A 186 45.70 15.66 -13.81
N LYS A 187 46.06 16.93 -13.59
CA LYS A 187 45.40 17.72 -12.56
C LYS A 187 44.23 18.53 -13.12
N LEU A 188 43.19 18.69 -12.31
CA LEU A 188 42.05 19.52 -12.67
C LEU A 188 42.49 20.97 -12.89
N PRO A 189 42.17 21.52 -14.08
CA PRO A 189 42.49 22.90 -14.44
C PRO A 189 41.76 23.91 -13.58
N PRO A 190 42.49 24.69 -12.78
CA PRO A 190 41.91 25.72 -11.91
C PRO A 190 41.08 26.75 -12.67
N ARG A 191 41.28 26.84 -13.98
CA ARG A 191 40.56 27.82 -14.79
C ARG A 191 39.07 27.47 -14.92
N LEU A 192 38.75 26.20 -14.73
CA LEU A 192 37.35 25.74 -14.79
C LEU A 192 36.47 26.46 -13.77
N GLY A 193 37.09 26.98 -12.71
CA GLY A 193 36.38 27.73 -11.70
C GLY A 193 35.83 29.06 -12.21
N LEU A 194 36.25 29.45 -13.41
CA LEU A 194 35.79 30.70 -14.01
C LEU A 194 34.49 30.49 -14.79
N LEU A 195 34.01 29.26 -14.82
CA LEU A 195 32.73 28.95 -15.46
C LEU A 195 31.60 29.54 -14.63
N THR A 196 31.38 30.85 -14.80
CA THR A 196 30.45 31.63 -14.00
C THR A 196 29.06 30.99 -13.83
N GLU A 197 28.58 30.31 -14.86
CA GLU A 197 27.19 29.89 -14.86
C GLU A 197 27.01 28.37 -14.78
N LEU A 198 28.11 27.66 -14.52
CA LEU A 198 28.07 26.21 -14.39
C LEU A 198 27.18 25.77 -13.23
N GLN A 199 26.13 25.01 -13.54
CA GLN A 199 25.24 24.48 -12.51
C GLN A 199 25.55 23.02 -12.20
N HIS A 200 26.08 22.33 -13.21
CA HIS A 200 26.21 20.87 -13.17
C HIS A 200 27.58 20.43 -13.68
N MET A 201 28.39 19.86 -12.79
CA MET A 201 29.72 19.38 -13.20
C MET A 201 29.93 17.91 -12.83
N GLU A 202 29.88 17.05 -13.85
CA GLU A 202 30.04 15.61 -13.67
C GLU A 202 31.25 15.10 -14.43
N ILE A 203 32.38 14.93 -13.73
CA ILE A 203 33.63 14.56 -14.40
C ILE A 203 34.39 13.47 -13.65
N GLY A 204 33.67 12.63 -12.90
CA GLY A 204 34.30 11.53 -12.19
C GLY A 204 34.60 10.35 -13.08
N TYR A 205 34.99 9.23 -12.47
CA TYR A 205 35.31 8.00 -13.20
C TYR A 205 36.36 8.24 -14.27
N ASN A 206 37.42 8.93 -13.88
CA ASN A 206 38.59 9.15 -14.70
C ASN A 206 39.83 8.86 -13.88
N HIS A 207 40.97 9.44 -14.27
CA HIS A 207 42.20 9.18 -13.55
C HIS A 207 42.87 10.47 -13.07
N PHE A 208 42.06 11.51 -12.89
CA PHE A 208 42.56 12.80 -12.40
C PHE A 208 43.33 12.62 -11.09
N ASN A 209 44.42 13.37 -10.95
CA ASN A 209 45.20 13.37 -9.73
C ASN A 209 45.37 14.79 -9.21
N GLY A 210 46.02 14.93 -8.06
CA GLY A 210 46.19 16.22 -7.44
C GLY A 210 44.94 16.62 -6.66
N ASN A 211 44.88 17.89 -6.27
CA ASN A 211 43.79 18.36 -5.42
C ASN A 211 42.67 19.04 -6.21
N ILE A 212 41.51 19.19 -5.59
CA ILE A 212 40.44 20.02 -6.14
C ILE A 212 40.84 21.48 -5.99
N PRO A 213 40.87 22.23 -7.10
CA PRO A 213 41.32 23.63 -7.09
C PRO A 213 40.50 24.54 -6.18
N SER A 214 41.18 25.44 -5.46
CA SER A 214 40.52 26.44 -4.63
C SER A 214 39.53 27.28 -5.45
N GLU A 215 39.87 27.44 -6.73
CA GLU A 215 39.13 28.30 -7.64
C GLU A 215 37.70 27.84 -7.88
N PHE A 216 37.46 26.54 -7.74
CA PHE A 216 36.12 25.97 -7.90
C PHE A 216 35.11 26.59 -6.93
N ALA A 217 35.61 27.24 -5.89
CA ALA A 217 34.76 27.93 -4.92
C ALA A 217 34.09 29.16 -5.52
N LEU A 218 34.40 29.46 -6.78
CA LEU A 218 33.82 30.62 -7.46
C LEU A 218 32.62 30.22 -8.30
N LEU A 219 32.33 28.92 -8.33
CA LEU A 219 31.20 28.39 -9.07
C LEU A 219 29.91 28.57 -8.27
N SER A 220 29.52 29.83 -8.07
CA SER A 220 28.40 30.18 -7.21
C SER A 220 27.08 29.55 -7.63
N ASN A 221 26.96 29.19 -8.90
CA ASN A 221 25.72 28.67 -9.44
C ASN A 221 25.64 27.15 -9.44
N LEU A 222 26.70 26.51 -8.95
CA LEU A 222 26.86 25.07 -9.02
C LEU A 222 25.88 24.31 -8.13
N LYS A 223 25.04 23.47 -8.74
CA LYS A 223 24.05 22.68 -8.00
C LYS A 223 24.49 21.22 -7.86
N TYR A 224 25.38 20.79 -8.74
CA TYR A 224 25.79 19.39 -8.80
C TYR A 224 27.30 19.27 -9.01
N PHE A 225 27.97 18.56 -8.11
CA PHE A 225 29.42 18.43 -8.18
C PHE A 225 29.85 16.98 -7.96
N ASP A 226 30.38 16.36 -9.01
CA ASP A 226 30.80 14.97 -8.94
C ASP A 226 32.29 14.87 -8.63
N VAL A 227 33.03 14.25 -9.56
CA VAL A 227 34.47 13.97 -9.45
C VAL A 227 34.70 12.83 -8.45
N SER A 228 33.95 11.75 -8.63
CA SER A 228 34.14 10.55 -7.80
C SER A 228 34.79 9.44 -8.61
N ASN A 229 35.17 8.37 -7.92
CA ASN A 229 35.93 7.26 -8.52
C ASN A 229 37.08 7.77 -9.40
N CYS A 230 37.84 8.71 -8.85
CA CYS A 230 39.05 9.20 -9.49
C CYS A 230 40.27 8.86 -8.65
N SER A 231 41.37 9.56 -8.92
CA SER A 231 42.61 9.31 -8.19
C SER A 231 43.08 10.57 -7.47
N LEU A 232 42.15 11.44 -7.12
CA LEU A 232 42.49 12.71 -6.48
C LEU A 232 43.02 12.51 -5.07
N SER A 233 43.54 13.59 -4.49
CA SER A 233 44.13 13.54 -3.16
C SER A 233 44.22 14.91 -2.53
N GLY A 234 44.87 14.97 -1.37
CA GLY A 234 45.00 16.21 -0.62
C GLY A 234 43.94 16.30 0.45
N SER A 235 43.91 17.43 1.15
CA SER A 235 42.82 17.70 2.07
C SER A 235 41.62 18.18 1.26
N LEU A 236 40.43 18.12 1.83
CA LEU A 236 39.27 18.73 1.19
C LEU A 236 39.40 20.24 1.32
N PRO A 237 39.40 20.95 0.18
CA PRO A 237 39.60 22.40 0.17
C PRO A 237 38.51 23.15 0.93
N GLN A 238 38.89 23.81 2.02
CA GLN A 238 37.95 24.56 2.86
C GLN A 238 37.06 25.51 2.06
N GLU A 239 37.66 26.18 1.08
CA GLU A 239 36.97 27.21 0.29
C GLU A 239 35.62 26.77 -0.29
N LEU A 240 35.46 25.46 -0.47
CA LEU A 240 34.27 24.92 -1.11
C LEU A 240 33.00 25.15 -0.27
N GLY A 241 33.18 25.59 0.97
CA GLY A 241 32.06 25.97 1.81
C GLY A 241 31.33 27.16 1.22
N ASN A 242 32.00 27.90 0.36
CA ASN A 242 31.41 29.03 -0.34
C ASN A 242 30.36 28.61 -1.36
N LEU A 243 30.39 27.35 -1.74
CA LEU A 243 29.47 26.84 -2.76
C LEU A 243 28.08 26.57 -2.22
N SER A 244 27.34 27.63 -1.92
CA SER A 244 25.90 27.49 -1.66
C SER A 244 25.24 27.09 -2.98
N ASN A 245 23.92 26.93 -2.95
CA ASN A 245 23.16 26.47 -4.12
C ASN A 245 23.43 24.99 -4.44
N LEU A 246 24.59 24.49 -4.02
CA LEU A 246 25.01 23.12 -4.27
C LEU A 246 24.13 22.10 -3.55
N GLU A 247 23.59 21.15 -4.30
CA GLU A 247 22.67 20.17 -3.75
C GLU A 247 23.25 18.76 -3.71
N THR A 248 24.23 18.50 -4.56
CA THR A 248 24.82 17.17 -4.66
C THR A 248 26.34 17.22 -4.62
N LEU A 249 26.93 16.54 -3.64
CA LEU A 249 28.37 16.56 -3.48
C LEU A 249 28.90 15.13 -3.41
N PHE A 250 29.41 14.63 -4.53
CA PHE A 250 29.97 13.29 -4.61
C PHE A 250 31.48 13.34 -4.72
N LEU A 251 32.18 12.85 -3.72
CA LEU A 251 33.64 12.80 -3.78
C LEU A 251 34.15 11.44 -3.35
N PHE A 252 33.28 10.43 -3.50
CA PHE A 252 33.61 9.11 -3.00
C PHE A 252 34.62 8.39 -3.89
N GLN A 253 35.23 7.36 -3.34
CA GLN A 253 36.20 6.52 -4.05
C GLN A 253 37.34 7.35 -4.63
N ASN A 254 37.90 8.22 -3.79
CA ASN A 254 39.14 8.93 -4.09
C ASN A 254 40.21 8.62 -3.04
N GLY A 255 41.08 9.58 -2.80
CA GLY A 255 42.15 9.40 -1.83
C GLY A 255 42.33 10.62 -0.93
N PHE A 256 41.25 11.35 -0.70
CA PHE A 256 41.30 12.54 0.14
C PHE A 256 41.71 12.20 1.57
N THR A 257 42.57 13.03 2.14
CA THR A 257 42.95 12.88 3.55
C THR A 257 42.54 14.10 4.35
N GLY A 258 43.09 14.23 5.54
CA GLY A 258 42.75 15.33 6.42
C GLY A 258 41.32 15.24 6.89
N GLU A 259 40.83 16.29 7.52
CA GLU A 259 39.48 16.28 8.08
C GLU A 259 38.47 16.88 7.13
N ILE A 260 37.19 16.62 7.39
CA ILE A 260 36.12 17.32 6.71
C ILE A 260 36.10 18.75 7.21
N PRO A 261 36.22 19.72 6.30
CA PRO A 261 36.25 21.14 6.65
C PRO A 261 34.95 21.56 7.34
N GLU A 262 35.07 22.34 8.41
CA GLU A 262 33.90 22.79 9.16
C GLU A 262 33.15 23.85 8.37
N SER A 263 33.83 24.43 7.39
CA SER A 263 33.22 25.38 6.46
C SER A 263 32.09 24.77 5.63
N TYR A 264 32.06 23.45 5.55
CA TYR A 264 31.08 22.76 4.72
C TYR A 264 29.68 22.76 5.34
N SER A 265 29.59 23.26 6.57
CA SER A 265 28.30 23.36 7.25
C SER A 265 27.50 24.54 6.72
N ASN A 266 28.07 25.26 5.76
CA ASN A 266 27.43 26.41 5.17
C ASN A 266 26.76 26.07 3.85
N LEU A 267 26.84 24.79 3.48
CA LEU A 267 26.21 24.28 2.27
C LEU A 267 24.72 24.05 2.50
N LYS A 268 23.98 25.13 2.69
CA LYS A 268 22.57 25.07 3.10
C LYS A 268 21.65 24.37 2.10
N SER A 269 22.10 24.20 0.86
CA SER A 269 21.27 23.59 -0.16
C SER A 269 21.53 22.10 -0.32
N LEU A 270 22.56 21.61 0.38
CA LEU A 270 23.07 20.25 0.16
C LEU A 270 22.04 19.18 0.50
N LYS A 271 21.70 18.35 -0.49
CA LYS A 271 20.76 17.26 -0.30
C LYS A 271 21.48 15.92 -0.14
N LEU A 272 22.47 15.68 -1.01
CA LEU A 272 23.18 14.42 -1.04
C LEU A 272 24.67 14.64 -0.75
N LEU A 273 25.19 13.90 0.22
CA LEU A 273 26.61 13.98 0.55
C LEU A 273 27.21 12.57 0.57
N ASP A 274 28.31 12.41 -0.15
CA ASP A 274 28.97 11.10 -0.24
C ASP A 274 30.49 11.25 -0.25
N PHE A 275 31.12 10.95 0.87
CA PHE A 275 32.58 10.98 0.97
C PHE A 275 33.15 9.58 1.14
N SER A 276 32.37 8.56 0.78
CA SER A 276 32.74 7.19 1.09
C SER A 276 34.02 6.76 0.37
N SER A 277 34.70 5.76 0.91
CA SER A 277 35.91 5.21 0.32
C SER A 277 36.99 6.26 0.09
N ASN A 278 37.27 7.05 1.13
CA ASN A 278 38.44 7.92 1.13
C ASN A 278 39.31 7.61 2.34
N GLN A 279 40.15 8.56 2.73
CA GLN A 279 40.99 8.38 3.91
C GLN A 279 40.82 9.56 4.86
N LEU A 280 39.60 10.08 4.92
CA LEU A 280 39.28 11.18 5.83
C LEU A 280 39.45 10.74 7.28
N SER A 281 39.93 11.66 8.11
CA SER A 281 40.09 11.40 9.53
C SER A 281 39.41 12.50 10.33
N GLY A 282 39.43 12.38 11.65
CA GLY A 282 38.80 13.36 12.51
C GLY A 282 37.33 13.05 12.72
N SER A 283 36.56 14.08 13.04
CA SER A 283 35.16 13.90 13.40
C SER A 283 34.22 14.50 12.37
N ILE A 284 33.00 14.01 12.33
CA ILE A 284 31.94 14.67 11.57
C ILE A 284 31.69 16.02 12.23
N PRO A 285 31.91 17.12 11.49
CA PRO A 285 31.78 18.45 12.07
C PRO A 285 30.36 18.73 12.56
N SER A 286 30.25 19.32 13.75
CA SER A 286 28.95 19.50 14.39
C SER A 286 28.05 20.45 13.63
N GLY A 287 28.65 21.26 12.75
CA GLY A 287 27.89 22.13 11.88
C GLY A 287 26.95 21.39 10.95
N PHE A 288 27.25 20.14 10.65
CA PHE A 288 26.41 19.30 9.82
C PHE A 288 24.96 19.22 10.33
N SER A 289 24.79 19.52 11.61
CA SER A 289 23.47 19.51 12.23
C SER A 289 22.60 20.65 11.72
N THR A 290 23.22 21.59 11.00
CA THR A 290 22.49 22.74 10.46
C THR A 290 22.16 22.58 8.97
N LEU A 291 22.66 21.52 8.35
CA LEU A 291 22.35 21.23 6.95
C LEU A 291 20.96 20.60 6.83
N LYS A 292 19.93 21.42 7.09
CA LYS A 292 18.56 20.94 7.24
C LYS A 292 17.93 20.33 5.98
N ASN A 293 18.64 20.34 4.86
CA ASN A 293 18.10 19.75 3.63
C ASN A 293 18.72 18.41 3.28
N LEU A 294 19.65 17.94 4.12
CA LEU A 294 20.32 16.66 3.90
C LEU A 294 19.34 15.51 3.78
N THR A 295 19.46 14.76 2.70
CA THR A 295 18.64 13.58 2.45
C THR A 295 19.49 12.33 2.67
N TRP A 296 20.74 12.43 2.28
CA TRP A 296 21.63 11.29 2.13
C TRP A 296 23.01 11.64 2.69
N LEU A 297 23.42 10.97 3.76
CA LEU A 297 24.73 11.22 4.33
C LEU A 297 25.54 9.93 4.40
N SER A 298 26.56 9.87 3.55
CA SER A 298 27.37 8.66 3.40
C SER A 298 28.85 8.97 3.58
N LEU A 299 29.46 8.34 4.58
CA LEU A 299 30.86 8.55 4.88
C LEU A 299 31.55 7.20 5.07
N ILE A 300 31.07 6.22 4.31
CA ILE A 300 31.50 4.83 4.41
C ILE A 300 33.00 4.67 4.18
N SER A 301 33.60 3.75 4.93
CA SER A 301 35.00 3.34 4.68
C SER A 301 35.97 4.51 4.71
N ASN A 302 35.95 5.28 5.79
CA ASN A 302 36.97 6.29 6.04
C ASN A 302 37.67 5.99 7.35
N ASN A 303 38.55 6.89 7.77
CA ASN A 303 39.18 6.77 9.09
C ASN A 303 38.59 7.78 10.07
N LEU A 304 37.30 8.06 9.91
CA LEU A 304 36.60 8.99 10.79
C LEU A 304 36.46 8.44 12.21
N SER A 305 36.32 9.35 13.17
CA SER A 305 36.31 9.00 14.58
C SER A 305 35.48 9.99 15.37
N GLY A 306 35.67 10.00 16.68
CA GLY A 306 34.89 10.84 17.58
C GLY A 306 33.43 10.45 17.56
N GLU A 307 32.59 11.31 18.11
CA GLU A 307 31.17 11.00 18.24
C GLU A 307 30.35 11.62 17.11
N VAL A 308 29.16 11.09 16.89
CA VAL A 308 28.25 11.64 15.90
C VAL A 308 27.46 12.76 16.55
N PRO A 309 27.52 13.97 15.96
CA PRO A 309 26.82 15.14 16.51
C PRO A 309 25.36 14.84 16.79
N GLU A 310 24.92 15.12 18.01
CA GLU A 310 23.54 14.90 18.44
C GLU A 310 22.51 15.43 17.44
N GLY A 311 22.80 16.58 16.85
CA GLY A 311 21.88 17.25 15.95
C GLY A 311 21.58 16.50 14.67
N ILE A 312 22.35 15.46 14.39
CA ILE A 312 22.17 14.68 13.16
C ILE A 312 20.92 13.82 13.30
N GLY A 313 20.49 13.60 14.53
CA GLY A 313 19.27 12.85 14.79
C GLY A 313 18.03 13.72 14.67
N GLU A 314 18.21 15.01 14.40
CA GLU A 314 17.09 15.93 14.26
C GLU A 314 16.99 16.57 12.88
N LEU A 315 17.90 16.21 11.98
CA LEU A 315 17.79 16.61 10.58
C LEU A 315 16.42 16.20 10.05
N PRO A 316 15.63 17.19 9.60
CA PRO A 316 14.22 16.97 9.25
C PRO A 316 13.97 16.14 7.99
N GLU A 317 15.00 15.95 7.16
CA GLU A 317 14.79 15.28 5.87
C GLU A 317 15.69 14.06 5.68
N LEU A 318 16.58 13.81 6.63
CA LEU A 318 17.52 12.70 6.53
C LEU A 318 16.80 11.37 6.36
N THR A 319 17.16 10.63 5.31
CA THR A 319 16.46 9.42 4.95
C THR A 319 17.45 8.26 4.84
N THR A 320 18.70 8.60 4.55
CA THR A 320 19.75 7.62 4.37
C THR A 320 20.98 7.98 5.20
N LEU A 321 21.46 7.04 6.00
CA LEU A 321 22.58 7.29 6.89
C LEU A 321 23.61 6.18 6.82
N PHE A 322 24.70 6.42 6.08
CA PHE A 322 25.75 5.42 5.94
C PHE A 322 27.05 5.88 6.60
N LEU A 323 27.44 5.16 7.66
CA LEU A 323 28.64 5.54 8.43
C LEU A 323 29.56 4.35 8.70
N TRP A 324 29.33 3.23 8.02
CA TRP A 324 30.04 2.01 8.37
C TRP A 324 31.51 1.99 7.91
N ASN A 325 32.28 1.13 8.57
CA ASN A 325 33.73 1.03 8.38
C ASN A 325 34.45 2.34 8.70
N ASN A 326 34.14 2.90 9.86
CA ASN A 326 34.95 3.94 10.48
C ASN A 326 35.32 3.52 11.90
N ASN A 327 35.64 4.48 12.76
CA ASN A 327 35.85 4.14 14.17
C ASN A 327 35.17 5.17 15.06
N PHE A 328 33.90 5.42 14.77
CA PHE A 328 33.09 6.30 15.61
C PHE A 328 32.94 5.73 17.00
N THR A 329 33.07 6.58 18.01
CA THR A 329 32.82 6.17 19.38
C THR A 329 31.54 6.81 19.88
N GLY A 330 31.21 6.54 21.14
CA GLY A 330 30.10 7.21 21.78
C GLY A 330 28.71 6.68 21.43
N VAL A 331 27.73 7.50 21.77
CA VAL A 331 26.32 7.17 21.68
C VAL A 331 25.72 7.49 20.31
N LEU A 332 24.69 6.75 19.89
CA LEU A 332 23.87 7.20 18.77
C LEU A 332 22.90 8.25 19.26
N PRO A 333 22.71 9.32 18.47
CA PRO A 333 21.84 10.44 18.84
C PRO A 333 20.42 9.99 19.24
N HIS A 334 20.08 10.23 20.51
CA HIS A 334 18.78 9.90 21.10
C HIS A 334 17.57 10.02 20.17
N LYS A 335 17.48 11.10 19.40
CA LYS A 335 16.26 11.37 18.65
C LYS A 335 16.34 10.99 17.18
N LEU A 336 17.33 10.18 16.83
CA LEU A 336 17.45 9.70 15.45
C LEU A 336 16.22 8.92 15.02
N GLY A 337 15.62 9.36 13.90
CA GLY A 337 14.45 8.71 13.36
C GLY A 337 13.17 9.46 13.68
N SER A 338 13.26 10.44 14.57
CA SER A 338 12.08 11.15 15.04
C SER A 338 11.51 12.06 13.96
N ASN A 339 12.30 12.36 12.94
CA ASN A 339 11.80 13.10 11.79
C ASN A 339 10.78 12.31 11.01
N GLY A 340 10.73 11.01 11.25
CA GLY A 340 9.75 10.15 10.64
C GLY A 340 10.07 9.79 9.20
N LYS A 341 11.32 9.98 8.78
CA LYS A 341 11.65 9.76 7.37
C LYS A 341 12.83 8.83 7.14
N LEU A 342 13.43 8.32 8.21
CA LEU A 342 14.60 7.46 8.08
C LEU A 342 14.22 6.15 7.37
N GLU A 343 14.99 5.78 6.37
CA GLU A 343 14.67 4.61 5.54
C GLU A 343 15.74 3.53 5.65
N THR A 344 16.99 3.91 5.38
CA THR A 344 18.11 2.99 5.50
C THR A 344 19.20 3.56 6.38
N MET A 345 19.63 2.76 7.35
CA MET A 345 20.73 3.15 8.23
C MET A 345 21.73 2.00 8.36
N ASP A 346 23.01 2.31 8.18
CA ASP A 346 24.06 1.31 8.32
C ASP A 346 25.26 1.96 8.99
N VAL A 347 25.50 1.59 10.25
CA VAL A 347 26.62 2.13 11.01
C VAL A 347 27.50 0.99 11.55
N SER A 348 27.54 -0.10 10.80
CA SER A 348 28.31 -1.28 11.20
C SER A 348 29.81 -1.00 11.24
N ASN A 349 30.56 -1.88 11.90
CA ASN A 349 32.02 -1.81 11.93
C ASN A 349 32.52 -0.53 12.60
N ASN A 350 31.95 -0.19 13.75
CA ASN A 350 32.42 0.96 14.49
C ASN A 350 32.62 0.60 15.96
N SER A 351 32.65 1.62 16.80
CA SER A 351 32.75 1.40 18.24
C SER A 351 31.65 2.15 18.96
N PHE A 352 30.47 2.19 18.34
CA PHE A 352 29.30 2.82 18.94
C PHE A 352 28.93 2.15 20.26
N THR A 353 28.35 2.92 21.17
CA THR A 353 27.94 2.40 22.47
C THR A 353 26.54 2.89 22.82
N GLY A 354 26.14 2.63 24.07
CA GLY A 354 24.83 3.04 24.55
C GLY A 354 23.70 2.22 23.92
N THR A 355 22.47 2.63 24.18
CA THR A 355 21.32 1.88 23.72
C THR A 355 20.96 2.23 22.29
N ILE A 356 20.09 1.42 21.70
CA ILE A 356 19.53 1.71 20.39
C ILE A 356 18.32 2.61 20.56
N PRO A 357 18.35 3.82 19.96
CA PRO A 357 17.25 4.78 20.11
C PRO A 357 15.91 4.20 19.70
N SER A 358 14.87 4.50 20.47
CA SER A 358 13.55 3.93 20.25
C SER A 358 12.84 4.57 19.07
N SER A 359 13.36 5.72 18.64
CA SER A 359 12.70 6.53 17.62
C SER A 359 13.10 6.20 16.19
N LEU A 360 13.92 5.16 16.01
CA LEU A 360 14.51 4.87 14.70
C LEU A 360 13.49 4.64 13.59
N CYS A 361 12.35 4.04 13.93
CA CYS A 361 11.38 3.64 12.91
C CYS A 361 10.10 4.48 12.96
N HIS A 362 10.13 5.59 13.69
CA HIS A 362 9.05 6.56 13.65
C HIS A 362 8.66 6.87 12.21
N GLY A 363 7.39 6.70 11.88
CA GLY A 363 6.91 6.95 10.53
C GLY A 363 6.79 5.70 9.68
N ASN A 364 7.26 4.57 10.20
CA ASN A 364 7.26 3.30 9.47
C ASN A 364 7.86 3.41 8.07
N LYS A 365 9.03 4.03 7.96
CA LYS A 365 9.71 4.14 6.68
C LYS A 365 11.02 3.34 6.69
N LEU A 366 11.49 3.03 7.89
CA LEU A 366 12.75 2.32 8.06
C LEU A 366 12.59 0.88 7.59
N TYR A 367 13.37 0.48 6.59
CA TYR A 367 13.26 -0.88 6.07
C TYR A 367 14.59 -1.64 6.18
N LYS A 368 15.67 -0.91 6.40
CA LYS A 368 16.98 -1.54 6.52
C LYS A 368 17.74 -0.96 7.71
N LEU A 369 18.00 -1.80 8.70
CA LEU A 369 18.62 -1.36 9.95
C LEU A 369 19.80 -2.25 10.27
N ILE A 370 20.99 -1.74 10.00
CA ILE A 370 22.21 -2.52 10.11
C ILE A 370 23.15 -1.93 11.16
N LEU A 371 23.32 -2.65 12.27
CA LEU A 371 24.06 -2.13 13.40
C LEU A 371 25.19 -3.04 13.88
N PHE A 372 25.53 -4.06 13.10
CA PHE A 372 26.41 -5.10 13.59
C PHE A 372 27.84 -4.63 13.79
N SER A 373 28.60 -5.37 14.60
CA SER A 373 29.99 -5.06 14.91
C SER A 373 30.15 -3.70 15.57
N ASN A 374 29.41 -3.48 16.65
CA ASN A 374 29.63 -2.34 17.52
C ASN A 374 29.72 -2.78 18.98
N MET A 375 29.38 -1.87 19.89
CA MET A 375 29.33 -2.20 21.30
C MET A 375 28.04 -1.68 21.92
N PHE A 376 26.96 -1.78 21.17
CA PHE A 376 25.62 -1.41 21.65
C PHE A 376 25.21 -2.26 22.84
N GLU A 377 24.70 -1.61 23.88
CA GLU A 377 24.29 -2.30 25.09
C GLU A 377 22.79 -2.17 25.31
N GLY A 378 22.29 -2.81 26.36
CA GLY A 378 20.91 -2.66 26.75
C GLY A 378 19.95 -3.52 25.95
N GLU A 379 18.67 -3.41 26.30
CA GLU A 379 17.62 -4.21 25.68
C GLU A 379 17.25 -3.68 24.30
N LEU A 380 17.01 -4.59 23.38
CA LEU A 380 16.35 -4.24 22.13
C LEU A 380 15.08 -3.47 22.43
N PRO A 381 15.02 -2.20 22.01
CA PRO A 381 13.86 -1.36 22.29
C PRO A 381 12.62 -2.01 21.68
N LYS A 382 11.53 -2.06 22.45
CA LYS A 382 10.36 -2.81 22.00
C LYS A 382 9.67 -2.12 20.83
N SER A 383 9.94 -0.82 20.69
CA SER A 383 9.41 -0.04 19.56
C SER A 383 9.79 -0.67 18.22
N LEU A 384 10.88 -1.43 18.21
CA LEU A 384 11.39 -2.06 17.01
C LEU A 384 10.45 -3.18 16.54
N THR A 385 9.69 -3.74 17.48
CA THR A 385 8.74 -4.81 17.16
C THR A 385 7.47 -4.25 16.54
N ARG A 386 7.35 -2.92 16.54
CA ARG A 386 6.22 -2.26 15.90
C ARG A 386 6.69 -1.44 14.70
N CYS A 387 7.88 -1.77 14.21
CA CYS A 387 8.43 -1.16 13.00
C CYS A 387 7.84 -1.86 11.77
N GLU A 388 6.70 -1.38 11.28
CA GLU A 388 5.91 -2.15 10.31
C GLU A 388 6.59 -2.28 8.95
N SER A 389 7.66 -1.52 8.71
CA SER A 389 8.34 -1.56 7.41
C SER A 389 9.65 -2.32 7.44
N LEU A 390 10.05 -2.80 8.62
CA LEU A 390 11.36 -3.43 8.77
C LEU A 390 11.49 -4.66 7.88
N TRP A 391 12.62 -4.77 7.19
CA TRP A 391 12.81 -5.79 6.18
C TRP A 391 14.11 -6.57 6.40
N ARG A 392 15.19 -5.85 6.68
CA ARG A 392 16.47 -6.48 6.96
C ARG A 392 17.07 -5.91 8.24
N PHE A 393 17.29 -6.78 9.22
CA PHE A 393 17.76 -6.37 10.53
C PHE A 393 19.00 -7.16 10.92
N ARG A 394 20.14 -6.49 10.92
CA ARG A 394 21.40 -7.15 11.23
C ARG A 394 22.11 -6.45 12.38
N SER A 395 22.12 -7.10 13.54
CA SER A 395 22.69 -6.51 14.74
C SER A 395 23.60 -7.47 15.48
N GLN A 396 24.19 -8.43 14.76
CA GLN A 396 25.11 -9.37 15.39
C GLN A 396 26.34 -8.66 15.96
N ASN A 397 27.08 -9.38 16.80
CA ASN A 397 28.30 -8.86 17.41
C ASN A 397 28.10 -7.54 18.14
N ASN A 398 27.25 -7.57 19.17
CA ASN A 398 27.09 -6.44 20.06
C ASN A 398 27.00 -6.92 21.50
N ARG A 399 26.48 -6.07 22.39
CA ARG A 399 26.37 -6.43 23.80
C ARG A 399 24.95 -6.22 24.30
N LEU A 400 23.98 -6.54 23.43
CA LEU A 400 22.57 -6.39 23.77
C LEU A 400 22.15 -7.45 24.78
N ASN A 401 21.46 -7.03 25.84
CA ASN A 401 21.07 -7.96 26.90
C ASN A 401 19.55 -8.11 27.03
N GLY A 402 19.13 -8.84 28.05
CA GLY A 402 17.72 -9.03 28.31
C GLY A 402 17.04 -10.03 27.38
N THR A 403 15.72 -10.00 27.39
CA THR A 403 14.92 -10.89 26.55
C THR A 403 14.54 -10.26 25.22
N ILE A 404 14.94 -10.89 24.13
CA ILE A 404 14.47 -10.52 22.79
C ILE A 404 12.94 -10.36 22.81
N PRO A 405 12.48 -9.12 22.62
CA PRO A 405 11.06 -8.75 22.78
C PRO A 405 10.11 -9.49 21.84
N ILE A 406 8.87 -9.66 22.28
CA ILE A 406 7.84 -10.33 21.50
C ILE A 406 7.11 -9.32 20.61
N GLY A 407 7.01 -9.63 19.33
CA GLY A 407 6.29 -8.77 18.40
C GLY A 407 6.83 -8.79 16.98
N PHE A 408 8.02 -9.37 16.81
CA PHE A 408 8.67 -9.39 15.50
C PHE A 408 7.91 -10.23 14.48
N GLY A 409 7.16 -11.22 14.97
CA GLY A 409 6.40 -12.11 14.09
C GLY A 409 5.18 -11.45 13.48
N SER A 410 4.92 -10.21 13.88
CA SER A 410 3.75 -9.48 13.38
C SER A 410 4.16 -8.47 12.31
N LEU A 411 5.47 -8.34 12.11
CA LEU A 411 6.00 -7.52 11.03
C LEU A 411 5.86 -8.31 9.74
N ARG A 412 5.15 -7.76 8.77
CA ARG A 412 4.74 -8.56 7.62
C ARG A 412 5.70 -8.49 6.44
N ASN A 413 6.86 -7.86 6.63
CA ASN A 413 7.88 -7.82 5.59
C ASN A 413 9.28 -8.07 6.14
N LEU A 414 9.35 -8.53 7.39
CA LEU A 414 10.62 -8.86 8.03
C LEU A 414 11.18 -10.16 7.45
N THR A 415 12.31 -10.08 6.76
CA THR A 415 12.81 -11.23 6.01
C THR A 415 14.16 -11.73 6.51
N PHE A 416 14.92 -10.85 7.17
CA PHE A 416 16.29 -11.18 7.57
C PHE A 416 16.59 -10.65 8.97
N VAL A 417 16.87 -11.54 9.90
CA VAL A 417 17.19 -11.15 11.27
C VAL A 417 18.44 -11.84 11.80
N ASP A 418 19.43 -11.04 12.18
CA ASP A 418 20.66 -11.56 12.76
C ASP A 418 20.90 -10.88 14.10
N LEU A 419 20.63 -11.62 15.18
CA LEU A 419 20.84 -11.11 16.53
C LEU A 419 21.93 -11.91 17.22
N SER A 420 22.73 -12.61 16.41
CA SER A 420 23.74 -13.52 16.93
C SER A 420 24.89 -12.79 17.64
N ASN A 421 25.69 -13.56 18.36
CA ASN A 421 26.79 -13.04 19.18
C ASN A 421 26.40 -11.78 19.96
N ASN A 422 25.34 -11.90 20.75
CA ASN A 422 24.98 -10.86 21.70
C ASN A 422 24.95 -11.46 23.10
N ARG A 423 24.15 -10.88 23.99
CA ARG A 423 24.08 -11.35 25.36
C ARG A 423 22.63 -11.47 25.83
N PHE A 424 21.76 -11.90 24.92
CA PHE A 424 20.33 -12.07 25.21
C PHE A 424 20.04 -13.19 26.19
N THR A 425 19.01 -13.07 27.00
CA THR A 425 18.75 -14.14 27.95
C THR A 425 17.31 -14.63 27.94
N ASP A 426 17.05 -15.57 28.84
CA ASP A 426 15.77 -16.26 28.96
C ASP A 426 15.19 -16.67 27.61
N GLN A 427 13.88 -16.52 27.44
CA GLN A 427 13.19 -17.16 26.33
C GLN A 427 13.44 -16.58 24.94
N ILE A 428 13.25 -17.44 23.94
CA ILE A 428 13.26 -17.05 22.54
C ILE A 428 11.81 -16.75 22.18
N PRO A 429 11.56 -15.53 21.65
CA PRO A 429 10.19 -15.10 21.33
C PRO A 429 9.49 -16.09 20.40
N ALA A 430 8.28 -16.49 20.76
CA ALA A 430 7.57 -17.53 20.03
C ALA A 430 6.96 -17.05 18.72
N ASP A 431 6.94 -15.73 18.51
CA ASP A 431 6.37 -15.15 17.30
C ASP A 431 7.24 -15.41 16.08
N PHE A 432 8.56 -15.40 16.27
CA PHE A 432 9.51 -15.75 15.20
C PHE A 432 9.03 -16.93 14.36
N ALA A 433 8.48 -17.93 15.05
CA ALA A 433 7.89 -19.10 14.41
C ALA A 433 6.80 -18.71 13.42
N THR A 434 6.06 -17.66 13.73
CA THR A 434 4.94 -17.23 12.90
C THR A 434 5.20 -15.95 12.11
N ALA A 435 6.47 -15.58 11.97
CA ALA A 435 6.83 -14.48 11.07
C ALA A 435 6.56 -14.91 9.64
N PRO A 436 5.76 -14.10 8.90
CA PRO A 436 5.19 -14.53 7.62
C PRO A 436 6.18 -14.70 6.48
N VAL A 437 7.26 -13.92 6.46
CA VAL A 437 8.19 -13.95 5.33
C VAL A 437 9.64 -14.06 5.77
N LEU A 438 9.86 -14.25 7.07
CA LEU A 438 11.21 -14.34 7.62
C LEU A 438 12.00 -15.45 6.93
N GLN A 439 13.12 -15.07 6.32
CA GLN A 439 13.89 -16.01 5.51
C GLN A 439 15.19 -16.45 6.18
N TYR A 440 15.71 -15.60 7.04
CA TYR A 440 16.96 -15.85 7.74
C TYR A 440 16.82 -15.44 9.20
N LEU A 441 17.25 -16.32 10.09
CA LEU A 441 17.22 -16.05 11.52
C LEU A 441 18.39 -16.78 12.16
N ASN A 442 19.31 -16.03 12.78
CA ASN A 442 20.50 -16.66 13.31
C ASN A 442 20.39 -16.92 14.83
N LEU A 443 20.51 -15.88 15.64
CA LEU A 443 20.41 -16.00 17.12
C LEU A 443 21.55 -16.79 17.79
N SER A 444 22.55 -17.24 17.03
CA SER A 444 23.65 -18.01 17.60
C SER A 444 24.45 -17.22 18.63
N THR A 445 25.07 -17.94 19.56
CA THR A 445 25.99 -17.34 20.53
C THR A 445 25.24 -16.33 21.40
N ASN A 446 24.44 -16.80 22.35
CA ASN A 446 23.56 -15.85 23.02
C ASN A 446 23.07 -16.09 24.46
N PHE A 447 23.41 -17.20 25.11
CA PHE A 447 23.01 -17.45 26.51
C PHE A 447 21.50 -17.45 26.86
N PHE A 448 20.67 -18.20 26.13
CA PHE A 448 19.24 -18.24 26.42
C PHE A 448 18.87 -19.05 27.67
N HIS A 449 19.41 -20.26 27.78
CA HIS A 449 19.09 -21.19 28.85
C HIS A 449 17.60 -21.52 28.88
N ARG A 450 17.00 -21.59 27.69
CA ARG A 450 15.60 -21.99 27.55
C ARG A 450 15.42 -22.93 26.36
N LYS A 451 14.30 -23.63 26.33
CA LYS A 451 13.96 -24.52 25.23
C LYS A 451 13.72 -23.74 23.94
N LEU A 452 13.86 -24.39 22.80
CA LEU A 452 13.38 -23.83 21.54
C LEU A 452 11.87 -23.65 21.58
N PRO A 453 11.36 -22.60 20.92
CA PRO A 453 9.90 -22.47 20.75
C PRO A 453 9.41 -23.72 20.03
N GLU A 454 8.31 -24.29 20.49
CA GLU A 454 8.00 -25.68 20.18
C GLU A 454 7.34 -25.79 18.81
N ASN A 455 7.12 -24.66 18.16
CA ASN A 455 6.60 -24.68 16.82
C ASN A 455 7.46 -23.81 15.91
N ILE A 456 8.76 -23.91 16.12
CA ILE A 456 9.77 -23.26 15.31
C ILE A 456 9.82 -23.83 13.88
N TRP A 457 9.62 -25.14 13.74
CA TRP A 457 9.71 -25.75 12.41
C TRP A 457 8.42 -25.62 11.60
N LYS A 458 7.46 -24.83 12.08
CA LYS A 458 6.28 -24.55 11.28
C LYS A 458 6.41 -23.25 10.51
N ALA A 459 7.52 -22.54 10.71
CA ALA A 459 7.74 -21.25 10.06
C ALA A 459 7.58 -21.42 8.56
N PRO A 460 6.58 -20.71 7.98
CA PRO A 460 6.13 -20.89 6.59
C PRO A 460 7.28 -20.67 5.63
N ASN A 461 8.03 -19.61 5.90
CA ASN A 461 9.24 -19.33 5.18
C ASN A 461 10.31 -19.19 6.24
N LEU A 462 11.45 -19.81 5.98
CA LEU A 462 12.63 -19.76 6.83
C LEU A 462 13.58 -20.76 6.17
N GLN A 463 14.69 -20.24 5.65
CA GLN A 463 15.61 -21.07 4.91
C GLN A 463 16.84 -21.40 5.74
N ILE A 464 17.24 -20.43 6.56
CA ILE A 464 18.43 -20.58 7.36
C ILE A 464 18.15 -20.22 8.81
N PHE A 465 18.25 -21.22 9.69
CA PHE A 465 18.06 -20.99 11.12
C PHE A 465 19.27 -21.51 11.89
N SER A 466 19.91 -20.63 12.67
CA SER A 466 21.20 -20.98 13.23
C SER A 466 21.39 -20.61 14.70
N ALA A 467 20.59 -21.17 15.60
CA ALA A 467 20.77 -20.92 17.04
C ALA A 467 21.85 -21.82 17.62
N SER A 468 23.09 -21.62 17.18
CA SER A 468 24.20 -22.45 17.62
C SER A 468 24.98 -21.79 18.77
N PHE A 469 25.44 -22.61 19.70
CA PHE A 469 26.17 -22.13 20.88
C PHE A 469 25.40 -21.04 21.62
N SER A 470 24.08 -21.19 21.69
CA SER A 470 23.23 -20.21 22.34
C SER A 470 22.63 -20.74 23.63
N ASN A 471 23.34 -21.68 24.26
CA ASN A 471 22.91 -22.31 25.51
C ASN A 471 21.47 -22.80 25.50
N LEU A 472 21.08 -23.48 24.43
CA LEU A 472 19.75 -24.08 24.35
C LEU A 472 19.68 -25.32 25.22
N ILE A 473 18.47 -25.66 25.67
CA ILE A 473 18.24 -26.85 26.48
C ILE A 473 16.95 -27.55 26.05
N GLY A 474 16.76 -28.77 26.53
CA GLY A 474 15.52 -29.50 26.28
C GLY A 474 15.56 -30.27 24.99
N GLU A 475 14.44 -30.89 24.65
CA GLU A 475 14.36 -31.72 23.45
C GLU A 475 14.14 -30.88 22.20
N ILE A 476 14.60 -31.40 21.07
CA ILE A 476 14.32 -30.79 19.77
C ILE A 476 12.88 -31.09 19.39
N PRO A 477 12.07 -30.05 19.17
CA PRO A 477 10.65 -30.26 18.84
C PRO A 477 10.46 -30.96 17.51
N ASN A 478 9.32 -31.61 17.36
CA ASN A 478 9.02 -32.44 16.19
C ASN A 478 9.07 -31.64 14.89
N TYR A 479 9.64 -32.23 13.85
CA TYR A 479 9.87 -31.50 12.60
C TYR A 479 8.64 -31.39 11.70
N VAL A 480 7.45 -31.27 12.30
CA VAL A 480 6.24 -31.15 11.51
C VAL A 480 6.22 -29.82 10.75
N GLY A 481 5.87 -29.90 9.47
CA GLY A 481 5.93 -28.74 8.59
C GLY A 481 7.26 -28.68 7.86
N CYS A 482 8.23 -27.99 8.47
CA CYS A 482 9.59 -27.86 7.94
C CYS A 482 9.61 -27.57 6.44
N LYS A 483 8.83 -26.59 6.01
CA LYS A 483 8.56 -26.40 4.60
C LYS A 483 9.76 -25.89 3.79
N SER A 484 10.47 -24.90 4.29
CA SER A 484 11.48 -24.21 3.47
C SER A 484 12.92 -24.33 3.98
N PHE A 485 13.10 -24.81 5.21
CA PHE A 485 14.43 -24.96 5.81
C PHE A 485 15.42 -25.70 4.89
N TYR A 486 16.59 -25.13 4.66
CA TYR A 486 17.64 -25.87 3.95
C TYR A 486 18.99 -25.84 4.69
N ARG A 487 19.09 -25.01 5.71
CA ARG A 487 20.29 -25.00 6.55
C ARG A 487 19.86 -24.89 8.01
N ILE A 488 20.23 -25.88 8.83
CA ILE A 488 19.87 -25.86 10.24
C ILE A 488 21.09 -26.06 11.13
N GLU A 489 21.36 -25.08 11.99
CA GLU A 489 22.49 -25.13 12.90
C GLU A 489 22.05 -25.03 14.36
N LEU A 490 22.22 -26.13 15.10
CA LEU A 490 21.90 -26.14 16.52
C LEU A 490 23.03 -26.75 17.33
N GLN A 491 24.24 -26.71 16.79
CA GLN A 491 25.37 -27.34 17.44
C GLN A 491 25.83 -26.54 18.66
N GLY A 492 26.50 -27.21 19.59
CA GLY A 492 27.06 -26.56 20.76
C GLY A 492 26.03 -26.10 21.78
N ASN A 493 25.03 -26.93 22.03
CA ASN A 493 24.06 -26.64 23.09
C ASN A 493 23.96 -27.81 24.06
N SER A 494 22.86 -27.85 24.80
CA SER A 494 22.61 -28.92 25.76
C SER A 494 21.31 -29.63 25.45
N LEU A 495 20.94 -29.65 24.16
CA LEU A 495 19.73 -30.31 23.71
C LEU A 495 19.74 -31.78 24.11
N ASN A 496 18.82 -32.18 25.00
CA ASN A 496 18.80 -33.56 25.41
C ASN A 496 17.65 -34.31 24.73
N GLY A 497 17.43 -35.56 25.10
CA GLY A 497 16.43 -36.38 24.43
C GLY A 497 16.86 -36.94 23.08
N THR A 498 15.88 -37.24 22.23
CA THR A 498 16.11 -37.93 20.96
C THR A 498 15.95 -36.99 19.76
N ILE A 499 16.73 -37.22 18.70
CA ILE A 499 16.49 -36.53 17.44
C ILE A 499 15.16 -37.01 16.87
N PRO A 500 14.23 -36.08 16.63
CA PRO A 500 12.89 -36.41 16.11
C PRO A 500 12.90 -37.30 14.86
N TRP A 501 12.06 -38.32 14.90
CA TRP A 501 12.01 -39.37 13.89
C TRP A 501 11.26 -38.94 12.64
N ASP A 502 10.78 -37.70 12.63
CA ASP A 502 9.97 -37.20 11.52
C ASP A 502 10.70 -36.11 10.76
N ILE A 503 12.03 -36.18 10.79
CA ILE A 503 12.88 -35.18 10.15
C ILE A 503 12.71 -35.15 8.64
N GLY A 504 12.09 -36.20 8.08
CA GLY A 504 11.89 -36.30 6.66
C GLY A 504 10.90 -35.30 6.10
N HIS A 505 10.25 -34.56 6.98
CA HIS A 505 9.36 -33.47 6.58
C HIS A 505 10.14 -32.30 6.01
N CYS A 506 11.45 -32.29 6.25
CA CYS A 506 12.32 -31.22 5.77
C CYS A 506 12.89 -31.53 4.38
N GLU A 507 12.03 -31.55 3.37
CA GLU A 507 12.43 -32.00 2.03
C GLU A 507 13.42 -31.06 1.33
N LYS A 508 13.58 -29.85 1.86
CA LYS A 508 14.51 -28.89 1.26
C LYS A 508 15.87 -28.85 1.98
N LEU A 509 15.97 -29.57 3.10
CA LEU A 509 17.18 -29.56 3.93
C LEU A 509 18.45 -29.93 3.15
N LEU A 510 19.52 -29.17 3.38
CA LEU A 510 20.82 -29.44 2.76
C LEU A 510 21.91 -29.66 3.80
N CYS A 511 21.90 -28.84 4.84
CA CYS A 511 22.94 -28.89 5.86
C CYS A 511 22.32 -28.90 7.26
N LEU A 512 22.69 -29.91 8.03
CA LEU A 512 22.20 -30.05 9.39
C LEU A 512 23.36 -30.25 10.36
N ASN A 513 23.47 -29.36 11.35
CA ASN A 513 24.48 -29.52 12.38
C ASN A 513 23.85 -29.57 13.75
N LEU A 514 23.82 -30.78 14.33
CA LEU A 514 23.31 -30.97 15.68
C LEU A 514 24.42 -31.47 16.60
N SER A 515 25.66 -31.31 16.15
CA SER A 515 26.82 -31.78 16.89
C SER A 515 26.96 -31.08 18.23
N GLN A 516 27.80 -31.64 19.10
CA GLN A 516 28.05 -31.07 20.43
C GLN A 516 26.78 -30.77 21.22
N ASN A 517 25.95 -31.79 21.40
CA ASN A 517 24.78 -31.70 22.26
C ASN A 517 24.74 -32.89 23.21
N HIS A 518 23.54 -33.21 23.70
CA HIS A 518 23.38 -34.36 24.59
C HIS A 518 22.32 -35.29 24.03
N LEU A 519 22.30 -35.40 22.70
CA LEU A 519 21.31 -36.23 22.01
C LEU A 519 21.64 -37.71 22.11
N ASN A 520 20.72 -38.47 22.71
CA ASN A 520 20.86 -39.92 22.77
C ASN A 520 19.86 -40.57 21.83
N GLY A 521 19.79 -41.90 21.86
CA GLY A 521 18.90 -42.63 21.00
C GLY A 521 19.46 -42.81 19.59
N ILE A 522 18.59 -43.19 18.66
CA ILE A 522 19.04 -43.63 17.35
C ILE A 522 19.12 -42.51 16.32
N ILE A 523 19.88 -42.75 15.25
CA ILE A 523 19.90 -41.86 14.10
C ILE A 523 18.57 -42.03 13.39
N PRO A 524 17.84 -40.92 13.21
CA PRO A 524 16.52 -41.05 12.57
C PRO A 524 16.63 -41.56 11.14
N TRP A 525 16.12 -42.77 10.93
CA TRP A 525 16.10 -43.45 9.64
C TRP A 525 15.56 -42.56 8.52
N GLU A 526 14.59 -41.72 8.86
CA GLU A 526 13.89 -40.90 7.88
C GLU A 526 14.77 -39.83 7.25
N ILE A 527 16.04 -39.77 7.66
CA ILE A 527 17.01 -38.89 6.99
C ILE A 527 17.29 -39.42 5.59
N SER A 528 17.35 -40.74 5.47
CA SER A 528 17.56 -41.40 4.18
C SER A 528 16.46 -41.06 3.17
N THR A 529 15.39 -40.44 3.65
CA THR A 529 14.23 -40.13 2.82
C THR A 529 14.41 -38.76 2.18
N LEU A 530 15.47 -38.05 2.57
CA LEU A 530 15.62 -36.67 2.13
C LEU A 530 16.26 -36.58 0.75
N PRO A 531 15.60 -35.85 -0.16
CA PRO A 531 15.98 -35.72 -1.57
C PRO A 531 17.32 -35.03 -1.79
N SER A 532 17.67 -34.07 -0.94
CA SER A 532 18.79 -33.19 -1.23
C SER A 532 19.80 -33.03 -0.10
N ILE A 533 19.62 -33.76 1.00
CA ILE A 533 20.51 -33.64 2.14
C ILE A 533 21.98 -33.84 1.75
N ALA A 534 22.83 -32.90 2.13
CA ALA A 534 24.23 -32.93 1.72
C ALA A 534 25.19 -33.04 2.90
N ASP A 535 25.07 -32.12 3.85
CA ASP A 535 25.98 -32.09 4.99
C ASP A 535 25.23 -32.42 6.28
N VAL A 536 25.67 -33.47 6.97
CA VAL A 536 25.10 -33.83 8.25
C VAL A 536 26.17 -34.00 9.31
N ASP A 537 26.02 -33.31 10.42
CA ASP A 537 26.96 -33.41 11.52
C ASP A 537 26.22 -33.71 12.82
N LEU A 538 26.39 -34.93 13.31
CA LEU A 538 25.75 -35.35 14.55
C LEU A 538 26.81 -35.74 15.59
N SER A 539 28.04 -35.30 15.34
CA SER A 539 29.18 -35.71 16.16
C SER A 539 29.12 -35.17 17.58
N HIS A 540 29.93 -35.74 18.47
CA HIS A 540 29.94 -35.37 19.89
C HIS A 540 28.54 -35.39 20.51
N ASN A 541 27.93 -36.56 20.58
CA ASN A 541 26.66 -36.73 21.25
C ASN A 541 26.66 -38.04 22.02
N LEU A 542 25.48 -38.60 22.25
CA LEU A 542 25.36 -39.88 22.94
C LEU A 542 24.49 -40.83 22.13
N LEU A 543 24.61 -40.74 20.81
CA LEU A 543 23.80 -41.55 19.91
C LEU A 543 24.20 -43.01 20.01
N THR A 544 23.22 -43.89 19.82
CA THR A 544 23.49 -45.33 19.80
C THR A 544 22.82 -45.96 18.60
N GLY A 545 23.12 -47.23 18.37
CA GLY A 545 22.52 -47.93 17.27
C GLY A 545 23.27 -47.92 15.95
N THR A 546 22.68 -48.57 14.95
CA THR A 546 23.27 -48.65 13.64
C THR A 546 23.20 -47.32 12.92
N ILE A 547 24.13 -47.12 11.98
CA ILE A 547 23.87 -46.22 10.87
C ILE A 547 23.05 -47.02 9.87
N PRO A 548 21.77 -46.64 9.69
CA PRO A 548 20.88 -47.36 8.78
C PRO A 548 21.50 -47.55 7.40
N SER A 549 21.66 -48.81 6.98
CA SER A 549 22.37 -49.14 5.76
C SER A 549 21.77 -48.50 4.50
N ASP A 550 20.54 -47.98 4.63
CA ASP A 550 19.88 -47.33 3.51
C ASP A 550 20.53 -45.98 3.20
N PHE A 551 21.29 -45.46 4.16
CA PHE A 551 22.09 -44.26 3.95
C PHE A 551 23.09 -44.46 2.82
N GLY A 552 23.59 -45.69 2.69
CA GLY A 552 24.58 -46.02 1.69
C GLY A 552 24.13 -45.87 0.24
N SER A 553 22.83 -45.75 0.03
CA SER A 553 22.29 -45.62 -1.32
C SER A 553 21.92 -44.18 -1.65
N SER A 554 22.18 -43.29 -0.70
CA SER A 554 22.03 -41.86 -0.96
C SER A 554 22.97 -41.39 -2.06
N LYS A 555 22.52 -40.42 -2.85
CA LYS A 555 23.36 -39.83 -3.86
C LYS A 555 23.37 -38.31 -3.71
N THR A 556 23.40 -37.85 -2.46
CA THR A 556 23.53 -36.44 -2.15
C THR A 556 24.41 -36.19 -0.91
N ILE A 557 24.46 -37.17 -0.01
CA ILE A 557 25.25 -37.00 1.22
C ILE A 557 26.74 -36.89 0.91
N THR A 558 27.33 -35.76 1.29
CA THR A 558 28.73 -35.50 1.06
C THR A 558 29.50 -35.56 2.38
N THR A 559 28.86 -35.10 3.44
CA THR A 559 29.46 -35.11 4.77
C THR A 559 28.52 -35.78 5.77
N PHE A 560 29.05 -36.72 6.52
CA PHE A 560 28.27 -37.40 7.55
C PHE A 560 29.14 -37.62 8.78
N ASN A 561 29.38 -36.54 9.53
CA ASN A 561 30.21 -36.63 10.71
C ASN A 561 29.35 -37.10 11.87
N VAL A 562 29.63 -38.29 12.35
CA VAL A 562 28.84 -38.90 13.41
C VAL A 562 29.79 -39.43 14.47
N SER A 563 31.05 -38.98 14.37
CA SER A 563 32.11 -39.36 15.29
C SER A 563 31.78 -39.02 16.75
N TYR A 564 32.58 -39.56 17.66
CA TYR A 564 32.39 -39.38 19.09
C TYR A 564 30.96 -39.62 19.52
N ASN A 565 30.49 -40.83 19.23
CA ASN A 565 29.18 -41.28 19.67
C ASN A 565 29.29 -42.69 20.20
N GLN A 566 28.16 -43.33 20.45
CA GLN A 566 28.17 -44.70 20.90
C GLN A 566 27.44 -45.57 19.88
N LEU A 567 27.72 -45.40 18.59
CA LEU A 567 26.99 -46.13 17.54
C LEU A 567 27.38 -47.58 17.36
N ILE A 568 26.56 -48.40 16.71
CA ILE A 568 26.95 -49.80 16.68
C ILE A 568 26.77 -50.29 15.25
N GLY A 569 27.38 -51.43 14.95
CA GLY A 569 27.28 -52.06 13.65
C GLY A 569 28.20 -51.60 12.55
N PRO A 570 28.04 -52.21 11.36
CA PRO A 570 28.85 -51.87 10.19
C PRO A 570 28.46 -50.53 9.61
N ILE A 571 29.43 -49.82 9.06
CA ILE A 571 29.18 -48.60 8.31
C ILE A 571 28.61 -49.00 6.95
N PRO A 572 27.58 -48.29 6.46
CA PRO A 572 26.99 -48.67 5.18
C PRO A 572 28.01 -48.62 4.04
N SER A 573 27.78 -49.40 2.99
CA SER A 573 28.64 -49.33 1.81
C SER A 573 28.01 -48.39 0.79
N GLY A 574 28.07 -48.75 -0.48
CA GLY A 574 27.46 -47.96 -1.53
C GLY A 574 28.13 -46.61 -1.74
N SER A 575 27.52 -45.56 -1.19
CA SER A 575 28.05 -44.21 -1.35
C SER A 575 28.61 -43.68 -0.04
N PHE A 576 28.86 -44.59 0.90
CA PHE A 576 29.51 -44.26 2.16
C PHE A 576 30.92 -44.81 2.12
N ALA A 577 31.22 -45.56 1.05
CA ALA A 577 32.52 -46.19 0.87
C ALA A 577 33.61 -45.18 0.54
N HIS A 578 33.21 -43.98 0.12
CA HIS A 578 34.16 -42.95 -0.27
C HIS A 578 34.07 -41.73 0.65
N LEU A 579 33.58 -41.96 1.87
CA LEU A 579 33.53 -40.92 2.89
C LEU A 579 34.80 -40.92 3.75
N ASN A 580 35.09 -39.77 4.34
CA ASN A 580 36.19 -39.66 5.28
C ASN A 580 35.99 -40.54 6.51
N PRO A 581 36.93 -41.47 6.76
CA PRO A 581 36.87 -42.34 7.95
C PRO A 581 36.86 -41.56 9.26
N SER A 582 37.40 -40.34 9.26
CA SER A 582 37.36 -39.46 10.42
C SER A 582 35.94 -39.24 10.95
N PHE A 583 34.97 -39.36 10.05
CA PHE A 583 33.55 -39.17 10.40
C PHE A 583 33.04 -40.19 11.41
N PHE A 584 33.94 -41.02 11.94
CA PHE A 584 33.57 -42.04 12.90
C PHE A 584 34.62 -42.16 14.01
N SER A 585 34.17 -42.59 15.18
CA SER A 585 35.01 -42.72 16.37
C SER A 585 34.19 -43.35 17.47
N SER A 586 33.37 -44.31 17.06
CA SER A 586 32.56 -45.05 18.00
C SER A 586 33.04 -46.47 17.91
N ASN A 587 32.89 -47.21 19.01
CA ASN A 587 33.38 -48.57 19.05
C ASN A 587 32.57 -49.48 18.14
N GLU A 588 32.95 -49.66 16.86
CA GLU A 588 32.35 -50.58 15.81
C GLU A 588 32.42 -49.97 14.37
N GLY A 589 32.93 -50.80 13.44
CA GLY A 589 32.91 -50.48 12.02
C GLY A 589 32.96 -51.61 10.97
N LEU A 590 33.26 -51.21 9.74
CA LEU A 590 33.49 -52.12 8.62
C LEU A 590 34.87 -51.78 8.04
N CYS A 591 35.17 -52.27 6.84
CA CYS A 591 36.42 -52.01 6.11
C CYS A 591 36.89 -50.55 6.04
N GLY A 592 35.97 -49.59 6.08
CA GLY A 592 36.35 -48.18 6.08
C GLY A 592 37.40 -47.87 7.13
N ASP A 593 37.48 -48.76 8.12
CA ASP A 593 38.53 -48.83 9.13
C ASP A 593 38.20 -49.99 10.07
N LEU A 594 39.13 -50.93 10.20
CA LEU A 594 39.00 -52.18 10.96
C LEU A 594 37.75 -53.04 10.65
N VAL A 595 38.02 -54.19 10.05
CA VAL A 595 37.01 -55.15 9.58
C VAL A 595 36.19 -55.79 10.71
N GLY A 596 34.96 -56.20 10.40
CA GLY A 596 34.12 -56.90 11.35
C GLY A 596 33.74 -58.28 10.85
N LEU B 11 -9.59 -15.48 39.70
CA LEU B 11 -9.83 -16.80 40.28
C LEU B 11 -10.92 -17.55 39.52
N SER B 12 -10.81 -17.54 38.19
CA SER B 12 -11.80 -18.19 37.34
C SER B 12 -11.13 -19.19 36.39
N LEU B 13 -11.81 -19.48 35.28
CA LEU B 13 -11.33 -20.43 34.27
C LEU B 13 -10.92 -21.80 34.83
N LYS B 14 -11.13 -21.99 36.13
CA LYS B 14 -10.78 -23.21 36.85
C LYS B 14 -9.26 -23.33 37.00
N THR B 15 -8.61 -22.20 37.24
CA THR B 15 -7.16 -22.17 37.47
C THR B 15 -6.84 -22.71 38.87
N SER B 16 -7.14 -21.91 39.89
CA SER B 16 -6.98 -22.35 41.27
C SER B 16 -8.15 -23.26 41.62
N LEU B 17 -7.83 -24.47 42.08
CA LEU B 17 -8.80 -25.48 42.52
C LEU B 17 -10.04 -24.93 43.21
N SER B 18 -9.82 -24.33 44.40
CA SER B 18 -10.84 -23.68 45.22
C SER B 18 -11.64 -24.71 46.02
N LYS B 28 -7.79 -35.87 43.91
CA LYS B 28 -7.81 -34.84 42.88
C LYS B 28 -9.23 -34.57 42.39
N VAL B 29 -9.41 -33.41 41.80
CA VAL B 29 -10.72 -32.98 41.33
C VAL B 29 -10.47 -32.21 40.04
N PRO B 30 -11.13 -32.61 38.95
CA PRO B 30 -10.70 -31.92 37.74
C PRO B 30 -11.63 -30.83 37.27
N VAL B 31 -11.41 -29.64 37.81
CA VAL B 31 -12.16 -28.47 37.39
C VAL B 31 -11.81 -28.26 35.90
N ASN B 32 -12.48 -29.03 35.05
CA ASN B 32 -12.33 -28.94 33.61
C ASN B 32 -13.51 -28.23 32.96
N GLY B 33 -13.27 -27.02 32.49
CA GLY B 33 -14.33 -26.16 31.98
C GLY B 33 -14.77 -26.20 30.52
N GLN B 34 -14.18 -27.06 29.70
CA GLN B 34 -14.44 -27.02 28.26
C GLN B 34 -15.35 -28.22 27.89
N ASN B 35 -15.41 -28.58 26.61
CA ASN B 35 -16.34 -29.57 26.05
C ASN B 35 -17.76 -29.06 26.03
N ASP B 36 -18.24 -28.66 24.84
CA ASP B 36 -19.48 -27.90 24.66
C ASP B 36 -20.66 -28.46 25.46
N ALA B 37 -20.52 -28.44 26.78
CA ALA B 37 -21.49 -29.04 27.67
C ALA B 37 -22.56 -28.05 28.08
N VAL B 38 -23.74 -28.58 28.31
CA VAL B 38 -24.84 -27.88 28.93
C VAL B 38 -24.47 -27.76 30.41
N TRP B 39 -25.24 -27.04 31.23
CA TRP B 39 -24.97 -27.08 32.68
C TRP B 39 -26.09 -26.63 33.60
N CYS B 40 -25.96 -27.15 34.81
CA CYS B 40 -26.45 -26.64 36.07
C CYS B 40 -25.60 -27.35 37.11
N SER B 41 -25.10 -28.52 36.74
CA SER B 41 -24.26 -29.32 37.63
C SER B 41 -22.83 -29.34 37.13
N TRP B 42 -22.61 -28.80 35.94
CA TRP B 42 -21.25 -28.50 35.52
C TRP B 42 -20.67 -27.33 36.31
N SER B 43 -21.47 -26.30 36.52
CA SER B 43 -21.14 -25.23 37.46
C SER B 43 -21.66 -25.58 38.84
N GLY B 44 -22.58 -26.54 38.88
CA GLY B 44 -23.04 -27.07 40.15
C GLY B 44 -21.89 -27.53 41.03
N VAL B 45 -20.98 -28.30 40.45
CA VAL B 45 -19.76 -28.70 41.15
C VAL B 45 -18.86 -27.55 41.51
N VAL B 46 -18.60 -26.68 40.55
CA VAL B 46 -17.64 -25.58 40.70
C VAL B 46 -18.11 -24.61 41.83
N CYS B 47 -19.36 -24.75 42.24
CA CYS B 47 -19.93 -24.04 43.40
C CYS B 47 -20.13 -24.88 44.68
N ASP B 48 -19.94 -26.19 44.62
CA ASP B 48 -20.09 -26.97 45.85
C ASP B 48 -18.87 -26.90 46.80
N ASN B 49 -17.77 -26.46 46.22
CA ASN B 49 -16.66 -25.76 46.85
C ASN B 49 -16.64 -25.38 48.35
N VAL B 50 -17.77 -24.87 48.85
CA VAL B 50 -17.86 -23.83 49.91
C VAL B 50 -16.54 -23.04 50.01
N THR B 51 -16.42 -22.06 49.11
CA THR B 51 -15.22 -21.22 48.94
C THR B 51 -15.49 -19.74 49.15
N ALA B 52 -14.71 -19.10 50.02
CA ALA B 52 -14.63 -17.64 50.08
C ALA B 52 -13.35 -17.14 49.42
N GLN B 53 -12.68 -18.02 48.69
CA GLN B 53 -11.46 -17.68 47.95
C GLN B 53 -11.73 -17.35 46.47
N VAL B 54 -13.00 -17.36 46.07
CA VAL B 54 -13.35 -17.08 44.68
C VAL B 54 -13.89 -15.65 44.53
N ILE B 55 -13.12 -14.80 43.88
CA ILE B 55 -13.46 -13.39 43.75
C ILE B 55 -13.89 -13.03 42.34
N SER B 56 -13.47 -13.84 41.36
CA SER B 56 -13.84 -13.61 39.97
C SER B 56 -14.23 -14.89 39.27
N LEU B 57 -15.37 -14.87 38.58
CA LEU B 57 -15.86 -16.03 37.84
C LEU B 57 -16.21 -15.64 36.41
N ASP B 58 -15.37 -16.07 35.47
CA ASP B 58 -15.54 -15.72 34.07
C ASP B 58 -15.86 -16.96 33.24
N LEU B 59 -17.16 -17.19 33.00
CA LEU B 59 -17.61 -18.35 32.24
C LEU B 59 -18.11 -17.92 30.87
N SER B 60 -17.51 -16.87 30.32
CA SER B 60 -17.94 -16.34 29.04
C SER B 60 -17.48 -17.19 27.86
N HIS B 61 -18.33 -17.27 26.84
CA HIS B 61 -18.01 -17.95 25.58
C HIS B 61 -17.50 -19.38 25.76
N ARG B 62 -18.30 -20.20 26.43
CA ARG B 62 -18.01 -21.63 26.54
C ARG B 62 -19.17 -22.40 25.92
N ASN B 63 -19.96 -21.72 25.10
CA ASN B 63 -21.13 -22.28 24.45
C ASN B 63 -22.09 -22.93 25.46
N LEU B 64 -22.10 -22.38 26.67
CA LEU B 64 -22.89 -22.95 27.77
C LEU B 64 -24.40 -22.77 27.58
N SER B 65 -25.16 -23.70 28.17
CA SER B 65 -26.61 -23.60 28.17
C SER B 65 -27.20 -24.17 29.45
N GLY B 66 -28.37 -23.66 29.83
CA GLY B 66 -29.03 -24.11 31.04
C GLY B 66 -29.38 -22.97 31.98
N ARG B 67 -29.48 -23.27 33.27
CA ARG B 67 -29.84 -22.27 34.27
C ARG B 67 -28.72 -22.06 35.27
N ILE B 68 -28.74 -20.93 35.96
CA ILE B 68 -27.87 -20.73 37.10
C ILE B 68 -28.47 -21.49 38.28
N PRO B 69 -27.68 -22.35 38.93
CA PRO B 69 -28.21 -23.13 40.05
C PRO B 69 -28.32 -22.26 41.30
N ILE B 70 -29.33 -22.55 42.12
CA ILE B 70 -29.53 -21.83 43.39
C ILE B 70 -28.24 -21.73 44.22
N GLN B 71 -27.44 -22.78 44.24
CA GLN B 71 -26.25 -22.84 45.07
C GLN B 71 -25.22 -21.73 44.83
N ILE B 72 -25.35 -20.99 43.74
CA ILE B 72 -24.36 -19.96 43.40
C ILE B 72 -24.21 -18.89 44.48
N ARG B 73 -25.23 -18.77 45.32
CA ARG B 73 -25.24 -17.78 46.39
C ARG B 73 -24.09 -17.94 47.38
N TYR B 74 -23.45 -19.11 47.37
CA TYR B 74 -22.41 -19.42 48.36
C TYR B 74 -21.06 -18.85 47.93
N LEU B 75 -20.98 -18.40 46.68
CA LEU B 75 -19.82 -17.62 46.24
C LEU B 75 -19.97 -16.19 46.74
N SER B 76 -20.08 -16.04 48.05
CA SER B 76 -20.46 -14.77 48.67
C SER B 76 -19.40 -13.67 48.56
N SER B 77 -18.22 -14.03 48.05
CA SER B 77 -17.12 -13.08 47.95
C SER B 77 -16.91 -12.61 46.52
N LEU B 78 -17.83 -12.98 45.64
CA LEU B 78 -17.70 -12.66 44.22
C LEU B 78 -17.74 -11.16 43.97
N LEU B 79 -16.77 -10.66 43.22
CA LEU B 79 -16.73 -9.25 42.83
C LEU B 79 -17.06 -9.13 41.34
N TYR B 80 -16.61 -10.13 40.59
CA TYR B 80 -16.71 -10.11 39.13
C TYR B 80 -17.38 -11.39 38.64
N LEU B 81 -18.47 -11.23 37.89
CA LEU B 81 -19.18 -12.37 37.31
C LEU B 81 -19.51 -12.09 35.85
N ASN B 82 -18.88 -12.82 34.95
CA ASN B 82 -19.10 -12.64 33.52
C ASN B 82 -19.65 -13.91 32.89
N LEU B 83 -20.90 -13.84 32.45
CA LEU B 83 -21.58 -14.99 31.86
C LEU B 83 -21.97 -14.69 30.41
N SER B 84 -21.31 -13.69 29.83
CA SER B 84 -21.69 -13.20 28.51
C SER B 84 -21.32 -14.17 27.40
N GLY B 85 -22.05 -14.09 26.29
CA GLY B 85 -21.78 -14.90 25.12
C GLY B 85 -21.98 -16.39 25.32
N ASN B 86 -23.09 -16.75 25.94
CA ASN B 86 -23.51 -18.15 26.02
C ASN B 86 -24.93 -18.28 25.54
N SER B 87 -25.59 -19.35 25.95
CA SER B 87 -26.98 -19.59 25.56
C SER B 87 -27.84 -19.83 26.79
N LEU B 88 -27.43 -19.21 27.89
CA LEU B 88 -28.18 -19.26 29.14
C LEU B 88 -29.62 -18.83 28.90
N GLU B 89 -30.57 -19.50 29.55
CA GLU B 89 -31.98 -19.25 29.26
C GLU B 89 -32.78 -19.24 30.57
N GLY B 90 -34.10 -19.13 30.44
CA GLY B 90 -34.97 -18.96 31.59
C GLY B 90 -34.98 -17.53 32.08
N SER B 91 -35.73 -17.28 33.14
CA SER B 91 -35.77 -15.95 33.74
C SER B 91 -34.47 -15.71 34.48
N PHE B 92 -34.15 -14.44 34.75
CA PHE B 92 -32.93 -14.11 35.46
C PHE B 92 -32.91 -14.75 36.84
N PRO B 93 -31.79 -15.40 37.18
CA PRO B 93 -31.63 -16.09 38.47
C PRO B 93 -31.49 -15.12 39.64
N THR B 94 -32.55 -15.05 40.45
CA THR B 94 -32.59 -14.18 41.63
C THR B 94 -31.41 -14.47 42.57
N SER B 95 -30.97 -15.72 42.59
CA SER B 95 -29.86 -16.16 43.44
C SER B 95 -28.60 -15.30 43.29
N ILE B 96 -28.38 -14.78 42.09
CA ILE B 96 -27.24 -13.91 41.82
C ILE B 96 -27.25 -12.68 42.73
N PHE B 97 -28.46 -12.22 43.07
CA PHE B 97 -28.63 -11.06 43.95
C PHE B 97 -28.08 -11.26 45.37
N ASP B 98 -27.84 -12.51 45.76
CA ASP B 98 -27.25 -12.77 47.07
C ASP B 98 -25.73 -12.69 47.05
N LEU B 99 -25.17 -12.30 45.90
CA LEU B 99 -23.74 -12.06 45.80
C LEU B 99 -23.45 -10.61 46.14
N THR B 100 -23.50 -10.27 47.42
CA THR B 100 -23.53 -8.88 47.88
C THR B 100 -22.28 -8.04 47.54
N LYS B 101 -21.12 -8.66 47.39
CA LYS B 101 -19.93 -7.89 47.04
C LYS B 101 -19.69 -7.86 45.53
N LEU B 102 -20.72 -8.22 44.77
CA LEU B 102 -20.65 -8.07 43.31
C LEU B 102 -20.41 -6.61 42.95
N THR B 103 -19.40 -6.37 42.12
CA THR B 103 -19.06 -5.02 41.72
C THR B 103 -19.30 -4.84 40.22
N THR B 104 -19.13 -5.90 39.45
CA THR B 104 -19.48 -5.90 38.03
C THR B 104 -20.21 -7.19 37.67
N LEU B 105 -21.25 -7.06 36.85
CA LEU B 105 -22.06 -8.20 36.44
C LEU B 105 -22.32 -8.17 34.94
N ASP B 106 -21.87 -9.22 34.24
CA ASP B 106 -22.04 -9.28 32.79
C ASP B 106 -22.84 -10.51 32.38
N ILE B 107 -24.04 -10.30 31.88
CA ILE B 107 -24.92 -11.38 31.45
C ILE B 107 -25.38 -11.11 30.02
N SER B 108 -24.65 -10.23 29.35
CA SER B 108 -24.98 -9.82 27.99
C SER B 108 -24.86 -10.97 27.00
N ARG B 109 -25.49 -10.82 25.84
CA ARG B 109 -25.48 -11.82 24.78
C ARG B 109 -25.86 -13.21 25.28
N ASN B 110 -27.05 -13.31 25.86
CA ASN B 110 -27.63 -14.58 26.26
C ASN B 110 -29.09 -14.66 25.82
N SER B 111 -29.83 -15.60 26.40
CA SER B 111 -31.21 -15.81 26.00
C SER B 111 -32.17 -15.73 27.19
N PHE B 112 -31.82 -14.93 28.19
CA PHE B 112 -32.69 -14.70 29.36
C PHE B 112 -33.99 -14.04 28.95
N ASP B 113 -35.12 -14.58 29.43
CA ASP B 113 -36.42 -14.01 29.10
C ASP B 113 -37.25 -13.64 30.33
N SER B 114 -38.52 -13.32 30.09
CA SER B 114 -39.48 -12.87 31.10
C SER B 114 -39.15 -11.47 31.62
N SER B 115 -40.00 -10.96 32.51
CA SER B 115 -39.77 -9.67 33.13
C SER B 115 -38.53 -9.72 33.99
N PHE B 116 -37.80 -8.61 34.08
CA PHE B 116 -36.65 -8.58 34.96
C PHE B 116 -37.10 -8.48 36.40
N PRO B 117 -36.72 -9.48 37.21
CA PRO B 117 -37.18 -9.57 38.61
C PRO B 117 -36.54 -8.48 39.48
N PRO B 118 -37.29 -8.00 40.48
CA PRO B 118 -36.79 -6.99 41.42
C PRO B 118 -35.77 -7.59 42.39
N GLY B 119 -34.88 -6.75 42.93
CA GLY B 119 -33.93 -7.21 43.92
C GLY B 119 -32.47 -6.91 43.67
N ILE B 120 -32.16 -6.21 42.57
CA ILE B 120 -30.78 -5.84 42.26
C ILE B 120 -30.20 -4.96 43.37
N SER B 121 -31.08 -4.28 44.09
CA SER B 121 -30.72 -3.37 45.17
C SER B 121 -29.70 -3.95 46.17
N LYS B 122 -29.85 -5.23 46.49
CA LYS B 122 -28.97 -5.86 47.47
C LYS B 122 -27.53 -5.88 46.97
N LEU B 123 -27.36 -5.69 45.67
CA LEU B 123 -26.05 -5.52 45.07
C LEU B 123 -25.63 -4.05 45.17
N LYS B 124 -25.48 -3.53 46.39
CA LYS B 124 -25.29 -2.10 46.58
C LYS B 124 -23.93 -1.61 46.09
N PHE B 125 -23.01 -2.54 45.84
CA PHE B 125 -21.70 -2.18 45.33
C PHE B 125 -21.59 -2.35 43.82
N LEU B 126 -22.71 -2.62 43.15
CA LEU B 126 -22.70 -2.84 41.71
C LEU B 126 -22.29 -1.58 40.97
N LYS B 127 -21.27 -1.68 40.13
CA LYS B 127 -20.79 -0.52 39.40
C LYS B 127 -21.04 -0.67 37.90
N VAL B 128 -21.03 -1.92 37.44
CA VAL B 128 -21.21 -2.22 36.03
C VAL B 128 -22.23 -3.33 35.84
N PHE B 129 -23.33 -3.00 35.17
CA PHE B 129 -24.31 -4.00 34.80
C PHE B 129 -24.57 -3.99 33.30
N ASN B 130 -24.15 -5.06 32.63
CA ASN B 130 -24.34 -5.18 31.19
C ASN B 130 -25.16 -6.42 30.87
N ALA B 131 -26.32 -6.20 30.27
CA ALA B 131 -27.24 -7.28 29.93
C ALA B 131 -27.65 -7.16 28.47
N PHE B 132 -26.78 -6.54 27.69
CA PHE B 132 -27.05 -6.27 26.28
C PHE B 132 -27.32 -7.54 25.49
N SER B 133 -28.30 -7.48 24.60
CA SER B 133 -28.70 -8.60 23.75
C SER B 133 -29.21 -9.78 24.57
N ASN B 134 -30.47 -9.71 24.94
CA ASN B 134 -31.15 -10.80 25.63
C ASN B 134 -32.59 -10.88 25.17
N ASN B 135 -33.41 -11.64 25.88
CA ASN B 135 -34.81 -11.80 25.49
C ASN B 135 -35.78 -11.25 26.53
N PHE B 136 -35.33 -10.27 27.30
CA PHE B 136 -36.15 -9.69 28.37
C PHE B 136 -37.36 -8.99 27.80
N GLU B 137 -38.48 -9.05 28.53
CA GLU B 137 -39.67 -8.29 28.17
C GLU B 137 -40.23 -7.60 29.41
N GLY B 138 -41.38 -6.95 29.25
CA GLY B 138 -41.97 -6.18 30.33
C GLY B 138 -41.29 -4.84 30.54
N LEU B 139 -41.48 -4.26 31.72
CA LEU B 139 -40.95 -2.94 32.03
C LEU B 139 -39.50 -2.98 32.48
N LEU B 140 -38.74 -1.93 32.16
CA LEU B 140 -37.42 -1.74 32.73
C LEU B 140 -37.53 -1.76 34.25
N PRO B 141 -36.65 -2.51 34.92
CA PRO B 141 -36.71 -2.58 36.37
C PRO B 141 -36.47 -1.23 37.03
N SER B 142 -37.48 -0.70 37.70
CA SER B 142 -37.33 0.55 38.44
C SER B 142 -36.34 0.37 39.59
N ASP B 143 -36.22 -0.87 40.06
CA ASP B 143 -35.30 -1.28 41.12
C ASP B 143 -33.89 -0.70 41.00
N VAL B 144 -33.35 -0.67 39.77
CA VAL B 144 -31.96 -0.25 39.52
C VAL B 144 -31.60 1.11 40.12
N SER B 145 -32.59 1.98 40.26
CA SER B 145 -32.36 3.36 40.69
C SER B 145 -31.81 3.51 42.11
N ARG B 146 -31.64 2.41 42.83
CA ARG B 146 -31.12 2.47 44.19
C ARG B 146 -29.66 1.97 44.20
N LEU B 147 -29.17 1.64 43.02
CA LEU B 147 -27.77 1.32 42.84
C LEU B 147 -27.01 2.61 42.57
N ARG B 148 -26.55 3.29 43.62
CA ARG B 148 -25.99 4.61 43.43
C ARG B 148 -24.46 4.60 43.54
N PHE B 149 -23.89 3.45 43.24
CA PHE B 149 -22.48 3.36 42.86
C PHE B 149 -22.37 2.99 41.38
N LEU B 150 -23.50 2.74 40.75
CA LEU B 150 -23.55 2.22 39.38
C LEU B 150 -23.02 3.25 38.39
N GLU B 151 -22.22 2.77 37.43
CA GLU B 151 -21.59 3.66 36.45
C GLU B 151 -21.99 3.30 35.03
N GLU B 152 -21.98 2.00 34.71
CA GLU B 152 -22.36 1.54 33.39
C GLU B 152 -23.66 0.73 33.46
N LEU B 153 -24.63 1.11 32.63
CA LEU B 153 -25.88 0.37 32.57
C LEU B 153 -26.23 0.05 31.12
N ASN B 154 -26.25 -1.24 30.80
CA ASN B 154 -26.55 -1.67 29.44
C ASN B 154 -27.71 -2.66 29.43
N PHE B 155 -28.88 -2.17 29.04
CA PHE B 155 -30.07 -3.00 28.93
C PHE B 155 -30.60 -3.00 27.51
N GLY B 156 -29.74 -2.63 26.57
CA GLY B 156 -30.08 -2.63 25.17
C GLY B 156 -30.20 -4.01 24.54
N GLY B 157 -30.85 -4.07 23.39
CA GLY B 157 -30.86 -5.28 22.58
C GLY B 157 -31.79 -6.38 23.07
N SER B 158 -32.83 -6.01 23.79
CA SER B 158 -33.84 -6.97 24.21
C SER B 158 -35.21 -6.56 23.71
N TYR B 159 -36.25 -6.92 24.46
CA TYR B 159 -37.62 -6.60 24.08
C TYR B 159 -38.33 -5.86 25.20
N PHE B 160 -37.59 -4.99 25.89
CA PHE B 160 -38.14 -4.20 26.99
C PHE B 160 -39.24 -3.29 26.48
N GLU B 161 -40.24 -3.04 27.33
CA GLU B 161 -41.40 -2.26 26.94
C GLU B 161 -41.67 -1.15 27.95
N GLY B 162 -42.51 -0.19 27.57
CA GLY B 162 -42.90 0.88 28.47
C GLY B 162 -41.99 2.09 28.39
N GLU B 163 -42.06 2.94 29.41
CA GLU B 163 -41.30 4.19 29.43
C GLU B 163 -40.00 3.98 30.20
N ILE B 164 -39.06 4.90 30.02
CA ILE B 164 -37.88 4.93 30.87
C ILE B 164 -38.29 5.45 32.24
N PRO B 165 -38.08 4.66 33.30
CA PRO B 165 -38.41 5.13 34.64
C PRO B 165 -37.65 6.40 34.99
N ALA B 166 -38.37 7.50 35.21
CA ALA B 166 -37.77 8.80 35.51
C ALA B 166 -36.78 8.74 36.67
N ALA B 167 -36.91 7.70 37.50
CA ALA B 167 -36.04 7.51 38.66
C ALA B 167 -34.63 7.10 38.25
N TYR B 168 -34.45 6.74 36.97
CA TYR B 168 -33.12 6.40 36.45
C TYR B 168 -32.22 7.63 36.44
N GLY B 169 -32.83 8.81 36.47
CA GLY B 169 -32.10 10.06 36.49
C GLY B 169 -31.51 10.40 37.84
N GLY B 170 -31.82 9.60 38.85
CA GLY B 170 -31.25 9.78 40.18
C GLY B 170 -29.90 9.09 40.29
N LEU B 171 -29.56 8.32 39.26
CA LEU B 171 -28.32 7.58 39.21
C LEU B 171 -27.10 8.47 38.98
N GLN B 172 -26.59 9.15 40.00
CA GLN B 172 -25.32 9.81 39.78
C GLN B 172 -24.29 8.71 39.92
N ARG B 173 -23.02 9.04 39.62
CA ARG B 173 -21.95 8.10 39.32
C ARG B 173 -22.11 7.50 37.92
N LEU B 174 -23.34 7.49 37.41
CA LEU B 174 -23.62 6.85 36.12
C LEU B 174 -23.06 7.68 34.96
N LYS B 175 -22.21 7.04 34.15
CA LYS B 175 -21.56 7.72 33.04
C LYS B 175 -21.81 7.04 31.69
N PHE B 176 -22.44 5.87 31.73
CA PHE B 176 -22.75 5.12 30.51
C PHE B 176 -24.12 4.48 30.63
N ILE B 177 -25.01 4.81 29.70
CA ILE B 177 -26.30 4.13 29.66
C ILE B 177 -26.68 3.72 28.23
N HIS B 178 -27.07 2.47 28.09
CA HIS B 178 -27.45 1.90 26.80
C HIS B 178 -28.79 1.20 26.93
N LEU B 179 -29.76 1.66 26.15
CA LEU B 179 -31.10 1.05 26.16
C LEU B 179 -31.60 0.89 24.73
N ALA B 180 -30.69 1.05 23.78
CA ALA B 180 -31.02 0.96 22.37
C ALA B 180 -31.48 -0.43 21.95
N GLY B 181 -32.40 -0.49 21.00
CA GLY B 181 -32.83 -1.75 20.43
C GLY B 181 -33.80 -2.53 21.30
N ASN B 182 -34.74 -1.82 21.89
CA ASN B 182 -35.86 -2.46 22.58
C ASN B 182 -37.17 -2.07 21.92
N VAL B 183 -38.25 -2.09 22.69
CA VAL B 183 -39.55 -1.65 22.20
C VAL B 183 -40.08 -0.63 23.20
N LEU B 184 -39.18 0.22 23.68
CA LEU B 184 -39.52 1.26 24.65
C LEU B 184 -40.24 2.40 23.95
N GLY B 185 -40.95 3.22 24.73
CA GLY B 185 -41.68 4.34 24.17
C GLY B 185 -42.08 5.39 25.17
N GLY B 186 -43.09 6.18 24.81
CA GLY B 186 -43.50 7.32 25.61
C GLY B 186 -42.59 8.50 25.36
N LYS B 187 -42.65 9.52 26.21
CA LYS B 187 -41.77 10.66 26.04
C LYS B 187 -40.50 10.47 26.86
N LEU B 188 -39.39 10.99 26.35
CA LEU B 188 -38.12 10.96 27.07
C LEU B 188 -38.23 11.70 28.39
N PRO B 189 -37.89 11.03 29.49
CA PRO B 189 -37.93 11.62 30.84
C PRO B 189 -36.94 12.76 30.99
N PRO B 190 -37.43 13.99 31.18
CA PRO B 190 -36.58 15.16 31.36
C PRO B 190 -35.64 15.04 32.56
N ARG B 191 -35.95 14.14 33.48
CA ARG B 191 -35.15 13.97 34.69
C ARG B 191 -33.78 13.36 34.39
N LEU B 192 -33.66 12.66 33.27
CA LEU B 192 -32.39 12.06 32.86
C LEU B 192 -31.29 13.11 32.69
N GLY B 193 -31.70 14.36 32.48
CA GLY B 193 -30.75 15.45 32.34
C GLY B 193 -29.96 15.73 33.60
N LEU B 194 -30.37 15.14 34.71
CA LEU B 194 -29.69 15.32 35.99
C LEU B 194 -28.55 14.31 36.17
N LEU B 195 -28.38 13.44 35.19
CA LEU B 195 -27.27 12.49 35.21
C LEU B 195 -25.94 13.23 35.01
N THR B 196 -25.48 13.82 36.11
CA THR B 196 -24.32 14.73 36.13
C THR B 196 -23.06 14.21 35.43
N GLU B 197 -22.82 12.91 35.50
CA GLU B 197 -21.55 12.36 35.07
C GLU B 197 -21.69 11.52 33.80
N LEU B 198 -22.89 11.54 33.22
CA LEU B 198 -23.18 10.77 32.00
C LEU B 198 -22.31 11.20 30.82
N GLN B 199 -21.52 10.26 30.32
CA GLN B 199 -20.66 10.52 29.16
C GLN B 199 -21.26 9.95 27.89
N HIS B 200 -22.03 8.87 28.04
CA HIS B 200 -22.47 8.06 26.90
C HIS B 200 -23.94 7.68 27.02
N MET B 201 -24.77 8.19 26.12
CA MET B 201 -26.19 7.85 26.13
C MET B 201 -26.66 7.31 24.78
N GLU B 202 -26.88 5.99 24.74
CA GLU B 202 -27.31 5.31 23.53
C GLU B 202 -28.67 4.66 23.77
N ILE B 203 -29.74 5.32 23.35
CA ILE B 203 -31.09 4.86 23.64
C ILE B 203 -32.01 4.94 22.43
N GLY B 204 -31.42 4.88 21.24
CA GLY B 204 -32.18 4.90 20.00
C GLY B 204 -32.80 3.55 19.68
N TYR B 205 -33.33 3.42 18.46
CA TYR B 205 -33.94 2.17 18.01
C TYR B 205 -35.03 1.71 18.98
N ASN B 206 -35.89 2.66 19.35
CA ASN B 206 -37.06 2.42 20.16
C ASN B 206 -38.25 3.13 19.52
N HIS B 207 -39.28 3.42 20.31
CA HIS B 207 -40.46 4.08 19.78
C HIS B 207 -40.79 5.37 20.53
N PHE B 208 -39.78 5.99 21.14
CA PHE B 208 -39.98 7.24 21.87
C PHE B 208 -40.64 8.29 21.01
N ASN B 209 -41.53 9.08 21.62
CA ASN B 209 -42.18 10.18 20.94
C ASN B 209 -41.97 11.47 21.72
N GLY B 210 -42.47 12.57 21.20
CA GLY B 210 -42.27 13.87 21.82
C GLY B 210 -40.90 14.42 21.48
N ASN B 211 -40.51 15.47 22.19
CA ASN B 211 -39.28 16.18 21.89
C ASN B 211 -38.11 15.74 22.77
N ILE B 212 -36.90 16.09 22.35
CA ILE B 212 -35.72 15.94 23.21
C ILE B 212 -35.80 16.97 24.32
N PRO B 213 -35.78 16.50 25.57
CA PRO B 213 -35.92 17.43 26.70
C PRO B 213 -34.83 18.49 26.74
N SER B 214 -35.26 19.72 27.01
CA SER B 214 -34.35 20.85 27.19
C SER B 214 -33.31 20.56 28.27
N GLU B 215 -33.72 19.79 29.27
CA GLU B 215 -32.91 19.49 30.43
C GLU B 215 -31.64 18.72 30.09
N PHE B 216 -31.68 17.98 28.98
CA PHE B 216 -30.52 17.23 28.51
C PHE B 216 -29.31 18.14 28.24
N ALA B 217 -29.55 19.44 28.14
CA ALA B 217 -28.50 20.42 27.95
C ALA B 217 -27.61 20.59 29.19
N LEU B 218 -27.95 19.87 30.26
CA LEU B 218 -27.19 19.94 31.50
C LEU B 218 -26.18 18.81 31.61
N LEU B 219 -26.18 17.92 30.63
CA LEU B 219 -25.26 16.79 30.58
C LEU B 219 -23.89 17.23 30.09
N SER B 220 -23.22 18.06 30.89
CA SER B 220 -21.96 18.71 30.48
C SER B 220 -20.84 17.73 30.13
N ASN B 221 -20.91 16.51 30.65
CA ASN B 221 -19.85 15.53 30.43
C ASN B 221 -20.13 14.58 29.27
N LEU B 222 -21.26 14.78 28.61
CA LEU B 222 -21.73 13.87 27.58
C LEU B 222 -20.85 13.88 26.33
N LYS B 223 -20.27 12.73 26.01
CA LYS B 223 -19.41 12.60 24.83
C LYS B 223 -20.13 11.91 23.68
N TYR B 224 -21.20 11.18 24.00
CA TYR B 224 -21.90 10.38 23.01
C TYR B 224 -23.40 10.48 23.21
N PHE B 225 -24.11 10.88 22.17
CA PHE B 225 -25.56 11.05 22.25
C PHE B 225 -26.24 10.43 21.04
N ASP B 226 -26.98 9.35 21.27
CA ASP B 226 -27.66 8.65 20.20
C ASP B 226 -29.10 9.13 20.07
N VAL B 227 -30.04 8.20 20.27
CA VAL B 227 -31.48 8.42 20.12
C VAL B 227 -31.85 8.55 18.64
N SER B 228 -31.37 7.60 17.84
CA SER B 228 -31.72 7.55 16.42
C SER B 228 -32.68 6.40 16.16
N ASN B 229 -33.21 6.34 14.94
CA ASN B 229 -34.25 5.37 14.57
C ASN B 229 -35.35 5.26 15.63
N CYS B 230 -35.83 6.41 16.08
CA CYS B 230 -36.97 6.47 16.99
C CYS B 230 -38.14 7.14 16.29
N SER B 231 -39.11 7.60 17.08
CA SER B 231 -40.29 8.25 16.53
C SER B 231 -40.43 9.68 17.06
N LEU B 232 -39.30 10.28 17.43
CA LEU B 232 -39.32 11.61 18.02
C LEU B 232 -39.73 12.68 17.01
N SER B 233 -39.96 13.89 17.51
CA SER B 233 -40.40 14.99 16.66
C SER B 233 -40.16 16.34 17.34
N GLY B 234 -40.65 17.40 16.71
CA GLY B 234 -40.46 18.74 17.22
C GLY B 234 -39.29 19.42 16.55
N SER B 235 -38.97 20.62 16.98
CA SER B 235 -37.76 21.29 16.54
C SER B 235 -36.57 20.73 17.32
N LEU B 236 -35.36 20.92 16.80
CA LEU B 236 -34.17 20.59 17.56
C LEU B 236 -33.98 21.66 18.64
N PRO B 237 -33.94 21.23 19.92
CA PRO B 237 -33.85 22.15 21.05
C PRO B 237 -32.54 22.94 21.06
N GLN B 238 -32.63 24.26 20.93
CA GLN B 238 -31.47 25.14 20.94
C GLN B 238 -30.51 24.86 22.09
N GLU B 239 -31.07 24.59 23.27
CA GLU B 239 -30.30 24.41 24.49
C GLU B 239 -29.15 23.42 24.35
N LEU B 240 -29.29 22.46 23.44
CA LEU B 240 -28.30 21.39 23.28
C LEU B 240 -26.94 21.89 22.78
N GLY B 241 -26.89 23.15 22.33
CA GLY B 241 -25.64 23.76 21.95
C GLY B 241 -24.68 23.90 23.13
N ASN B 242 -25.25 23.84 24.34
CA ASN B 242 -24.47 23.91 25.57
C ASN B 242 -23.60 22.69 25.77
N LEU B 243 -23.92 21.61 25.07
CA LEU B 243 -23.20 20.35 25.23
C LEU B 243 -21.86 20.31 24.50
N SER B 244 -20.87 21.04 25.02
CA SER B 244 -19.51 20.83 24.56
C SER B 244 -19.07 19.46 25.05
N ASN B 245 -17.83 19.08 24.79
CA ASN B 245 -17.31 17.74 25.13
C ASN B 245 -17.95 16.64 24.25
N LEU B 246 -19.14 16.92 23.73
CA LEU B 246 -19.88 15.98 22.89
C LEU B 246 -19.16 15.71 21.57
N GLU B 247 -18.94 14.44 21.28
CA GLU B 247 -18.18 14.05 20.09
C GLU B 247 -19.05 13.36 19.04
N THR B 248 -20.14 12.76 19.49
CA THR B 248 -21.00 11.99 18.59
C THR B 248 -22.46 12.38 18.77
N LEU B 249 -23.07 12.85 17.68
CA LEU B 249 -24.46 13.28 17.72
C LEU B 249 -25.25 12.60 16.62
N PHE B 250 -25.97 11.53 17.01
CA PHE B 250 -26.79 10.79 16.07
C PHE B 250 -28.26 11.04 16.35
N LEU B 251 -28.95 11.67 15.40
CA LEU B 251 -30.38 11.92 15.57
C LEU B 251 -31.13 11.52 14.32
N PHE B 252 -30.56 10.61 13.55
CA PHE B 252 -31.12 10.26 12.26
C PHE B 252 -32.34 9.35 12.38
N GLN B 253 -33.10 9.28 11.29
CA GLN B 253 -34.29 8.43 11.20
C GLN B 253 -35.29 8.73 12.31
N ASN B 254 -35.57 10.01 12.51
CA ASN B 254 -36.65 10.47 13.37
C ASN B 254 -37.63 11.31 12.57
N GLY B 255 -38.26 12.28 13.24
CA GLY B 255 -39.24 13.14 12.58
C GLY B 255 -39.07 14.60 12.95
N PHE B 256 -37.83 14.99 13.26
CA PHE B 256 -37.54 16.37 13.62
C PHE B 256 -37.84 17.34 12.48
N THR B 257 -38.42 18.48 12.82
CA THR B 257 -38.66 19.55 11.86
C THR B 257 -37.91 20.82 12.24
N GLY B 258 -38.29 21.93 11.63
CA GLY B 258 -37.64 23.20 11.88
C GLY B 258 -36.22 23.23 11.35
N GLU B 259 -35.47 24.27 11.72
CA GLU B 259 -34.12 24.43 11.22
C GLU B 259 -33.11 23.84 12.20
N ILE B 260 -31.90 23.60 11.72
CA ILE B 260 -30.80 23.26 12.60
C ILE B 260 -30.40 24.50 13.39
N PRO B 261 -30.43 24.41 14.74
CA PRO B 261 -30.10 25.56 15.57
C PRO B 261 -28.67 26.04 15.34
N GLU B 262 -28.49 27.35 15.22
CA GLU B 262 -27.17 27.92 14.99
C GLU B 262 -26.33 27.84 16.26
N SER B 263 -26.99 27.61 17.39
CA SER B 263 -26.31 27.36 18.66
C SER B 263 -25.43 26.11 18.61
N TYR B 264 -25.68 25.23 17.64
CA TYR B 264 -24.97 23.96 17.56
C TYR B 264 -23.56 24.16 17.02
N SER B 265 -23.25 25.39 16.63
CA SER B 265 -21.92 25.73 16.16
C SER B 265 -20.95 25.88 17.34
N ASN B 266 -21.47 25.67 18.54
CA ASN B 266 -20.67 25.79 19.75
C ASN B 266 -20.20 24.42 20.24
N LEU B 267 -20.55 23.37 19.49
CA LEU B 267 -20.14 22.02 19.81
C LEU B 267 -18.69 21.78 19.34
N LYS B 268 -17.75 22.45 20.00
CA LYS B 268 -16.35 22.45 19.57
C LYS B 268 -15.69 21.07 19.57
N SER B 269 -16.29 20.11 20.24
CA SER B 269 -15.72 18.76 20.34
C SER B 269 -16.27 17.78 19.31
N LEU B 270 -17.29 18.21 18.58
CA LEU B 270 -18.08 17.32 17.73
C LEU B 270 -17.28 16.69 16.57
N LYS B 271 -17.26 15.36 16.54
CA LYS B 271 -16.60 14.61 15.48
C LYS B 271 -17.59 14.06 14.45
N LEU B 272 -18.68 13.48 14.93
CA LEU B 272 -19.66 12.85 14.05
C LEU B 272 -21.02 13.53 14.18
N LEU B 273 -21.58 13.93 13.04
CA LEU B 273 -22.91 14.54 13.02
C LEU B 273 -23.77 13.82 11.99
N ASP B 274 -24.95 13.39 12.41
CA ASP B 274 -25.87 12.67 11.53
C ASP B 274 -27.31 13.06 11.82
N PHE B 275 -27.89 13.89 10.96
CA PHE B 275 -29.29 14.29 11.08
C PHE B 275 -30.13 13.70 9.96
N SER B 276 -29.63 12.65 9.31
CA SER B 276 -30.26 12.13 8.11
C SER B 276 -31.66 11.57 8.39
N SER B 277 -32.48 11.51 7.34
CA SER B 277 -33.83 10.96 7.43
C SER B 277 -34.70 11.65 8.48
N ASN B 278 -34.70 12.98 8.45
CA ASN B 278 -35.67 13.76 9.20
C ASN B 278 -36.43 14.68 8.27
N GLN B 279 -37.01 15.74 8.81
CA GLN B 279 -37.74 16.71 7.99
C GLN B 279 -37.22 18.12 8.26
N LEU B 280 -35.92 18.23 8.51
CA LEU B 280 -35.29 19.52 8.74
C LEU B 280 -35.38 20.42 7.52
N SER B 281 -35.57 21.71 7.74
CA SER B 281 -35.63 22.68 6.65
C SER B 281 -34.64 23.81 6.92
N GLY B 282 -34.55 24.74 5.99
CA GLY B 282 -33.65 25.86 6.14
C GLY B 282 -32.25 25.52 5.63
N SER B 283 -31.26 26.23 6.15
CA SER B 283 -29.89 26.10 5.66
C SER B 283 -28.97 25.49 6.71
N ILE B 284 -27.87 24.90 6.25
CA ILE B 284 -26.80 24.51 7.15
C ILE B 284 -26.20 25.77 7.75
N PRO B 285 -26.25 25.89 9.08
CA PRO B 285 -25.77 27.12 9.72
C PRO B 285 -24.29 27.37 9.45
N SER B 286 -23.95 28.62 9.14
CA SER B 286 -22.60 28.97 8.71
C SER B 286 -21.58 28.75 9.83
N GLY B 287 -22.07 28.69 11.06
CA GLY B 287 -21.23 28.39 12.21
C GLY B 287 -20.59 27.00 12.13
N PHE B 288 -21.22 26.09 11.39
CA PHE B 288 -20.69 24.74 11.20
C PHE B 288 -19.27 24.76 10.63
N SER B 289 -18.89 25.88 10.03
CA SER B 289 -17.56 26.06 9.48
C SER B 289 -16.53 26.20 10.60
N THR B 290 -17.01 26.36 11.83
CA THR B 290 -16.15 26.53 12.99
C THR B 290 -15.97 25.24 13.79
N LEU B 291 -16.73 24.20 13.42
CA LEU B 291 -16.60 22.89 14.06
C LEU B 291 -15.38 22.15 13.52
N LYS B 292 -14.19 22.64 13.86
CA LYS B 292 -12.94 22.17 13.26
C LYS B 292 -12.56 20.71 13.55
N ASN B 293 -13.37 20.01 14.34
CA ASN B 293 -13.08 18.61 14.63
C ASN B 293 -14.01 17.65 13.88
N LEU B 294 -14.91 18.22 13.09
CA LEU B 294 -15.85 17.42 12.31
C LEU B 294 -15.16 16.42 11.38
N THR B 295 -15.54 15.16 11.50
CA THR B 295 -15.01 14.09 10.67
C THR B 295 -16.07 13.66 9.66
N TRP B 296 -17.32 13.65 10.14
CA TRP B 296 -18.43 13.01 9.45
C TRP B 296 -19.63 13.95 9.50
N LEU B 297 -20.08 14.41 8.34
CA LEU B 297 -21.23 15.32 8.29
C LEU B 297 -22.30 14.71 7.40
N SER B 298 -23.41 14.30 8.01
CA SER B 298 -24.46 13.60 7.29
C SER B 298 -25.83 14.24 7.50
N LEU B 299 -26.44 14.70 6.41
CA LEU B 299 -27.74 15.36 6.48
C LEU B 299 -28.67 14.81 5.40
N ILE B 300 -28.50 13.53 5.10
CA ILE B 300 -29.23 12.85 4.03
C ILE B 300 -30.74 12.92 4.21
N SER B 301 -31.47 13.06 3.12
CA SER B 301 -32.92 12.95 3.11
C SER B 301 -33.60 13.89 4.11
N ASN B 302 -33.28 15.17 3.99
CA ASN B 302 -34.02 16.21 4.71
C ASN B 302 -34.60 17.18 3.69
N ASN B 303 -35.22 18.25 4.18
CA ASN B 303 -35.71 19.31 3.30
C ASN B 303 -34.82 20.54 3.42
N LEU B 304 -33.53 20.31 3.63
CA LEU B 304 -32.57 21.40 3.73
C LEU B 304 -32.40 22.11 2.40
N SER B 305 -31.99 23.37 2.48
CA SER B 305 -31.92 24.23 1.29
C SER B 305 -30.85 25.29 1.45
N GLY B 306 -30.93 26.32 0.63
CA GLY B 306 -29.91 27.37 0.63
C GLY B 306 -28.57 26.81 0.20
N GLU B 307 -27.52 27.58 0.42
CA GLU B 307 -26.20 27.18 -0.03
C GLU B 307 -25.38 26.53 1.07
N VAL B 308 -24.36 25.78 0.66
CA VAL B 308 -23.43 25.17 1.61
C VAL B 308 -22.37 26.19 1.95
N PRO B 309 -22.20 26.51 3.24
CA PRO B 309 -21.21 27.48 3.69
C PRO B 309 -19.83 27.20 3.13
N GLU B 310 -19.21 28.21 2.52
CA GLU B 310 -17.87 28.08 1.95
C GLU B 310 -16.89 27.42 2.92
N GLY B 311 -17.01 27.75 4.20
CA GLY B 311 -16.09 27.28 5.20
C GLY B 311 -16.08 25.78 5.45
N ILE B 312 -17.07 25.06 4.92
CA ILE B 312 -17.14 23.62 5.12
C ILE B 312 -16.08 22.92 4.26
N GLY B 313 -15.62 23.62 3.23
CA GLY B 313 -14.57 23.11 2.37
C GLY B 313 -13.20 23.35 2.99
N GLU B 314 -13.19 23.96 4.17
CA GLU B 314 -11.94 24.29 4.84
C GLU B 314 -11.79 23.56 6.18
N LEU B 315 -12.82 22.79 6.56
CA LEU B 315 -12.74 21.91 7.73
C LEU B 315 -11.56 20.95 7.63
N PRO B 316 -10.63 21.03 8.61
CA PRO B 316 -9.35 20.33 8.55
C PRO B 316 -9.41 18.81 8.70
N GLU B 317 -10.53 18.27 9.17
CA GLU B 317 -10.60 16.84 9.46
C GLU B 317 -11.73 16.12 8.73
N LEU B 318 -12.56 16.90 8.03
CA LEU B 318 -13.72 16.36 7.33
C LEU B 318 -13.33 15.27 6.35
N THR B 319 -13.95 14.11 6.49
CA THR B 319 -13.58 12.93 5.71
C THR B 319 -14.79 12.38 4.98
N THR B 320 -15.98 12.64 5.53
CA THR B 320 -17.22 12.15 4.98
C THR B 320 -18.25 13.26 4.85
N LEU B 321 -18.83 13.41 3.65
CA LEU B 321 -19.79 14.48 3.39
C LEU B 321 -21.02 13.96 2.67
N PHE B 322 -22.10 13.76 3.43
CA PHE B 322 -23.35 13.26 2.86
C PHE B 322 -24.44 14.33 2.92
N LEU B 323 -24.88 14.78 1.75
CA LEU B 323 -25.88 15.85 1.67
C LEU B 323 -27.01 15.54 0.70
N TRP B 324 -27.10 14.28 0.25
CA TRP B 324 -28.03 13.96 -0.82
C TRP B 324 -29.49 13.90 -0.38
N ASN B 325 -30.37 14.02 -1.37
CA ASN B 325 -31.81 14.11 -1.18
C ASN B 325 -32.21 15.30 -0.33
N ASN B 326 -31.67 16.46 -0.69
CA ASN B 326 -32.16 17.75 -0.22
C ASN B 326 -32.44 18.65 -1.43
N ASN B 327 -32.44 19.96 -1.22
CA ASN B 327 -32.52 20.88 -2.36
C ASN B 327 -31.57 22.05 -2.17
N PHE B 328 -30.31 21.73 -1.91
CA PHE B 328 -29.27 22.75 -1.82
C PHE B 328 -29.13 23.45 -3.17
N THR B 329 -28.98 24.75 -3.14
CA THR B 329 -28.71 25.50 -4.36
C THR B 329 -27.28 26.01 -4.31
N GLY B 330 -26.89 26.74 -5.35
CA GLY B 330 -25.59 27.39 -5.37
C GLY B 330 -24.41 26.48 -5.65
N VAL B 331 -23.22 27.02 -5.43
CA VAL B 331 -21.96 26.39 -5.76
C VAL B 331 -21.42 25.50 -4.62
N LEU B 332 -20.64 24.47 -4.96
CA LEU B 332 -19.87 23.74 -3.96
C LEU B 332 -18.64 24.54 -3.54
N PRO B 333 -18.30 24.52 -2.23
CA PRO B 333 -17.16 25.27 -1.70
C PRO B 333 -15.88 25.03 -2.49
N HIS B 334 -15.40 26.07 -3.15
CA HIS B 334 -14.19 26.06 -3.98
C HIS B 334 -13.05 25.16 -3.48
N LYS B 335 -12.77 25.22 -2.18
CA LYS B 335 -11.57 24.60 -1.64
C LYS B 335 -11.85 23.26 -0.98
N LEU B 336 -13.04 22.71 -1.24
CA LEU B 336 -13.39 21.40 -0.68
C LEU B 336 -12.40 20.33 -1.11
N GLY B 337 -11.83 19.64 -0.13
CA GLY B 337 -10.87 18.60 -0.41
C GLY B 337 -9.43 19.04 -0.18
N SER B 338 -9.24 20.34 0.05
CA SER B 338 -7.90 20.90 0.18
C SER B 338 -7.25 20.49 1.50
N ASN B 339 -8.06 20.04 2.45
CA ASN B 339 -7.56 19.51 3.71
C ASN B 339 -6.82 18.19 3.52
N GLY B 340 -7.00 17.56 2.36
CA GLY B 340 -6.28 16.35 2.01
C GLY B 340 -6.78 15.07 2.65
N LYS B 341 -8.02 15.09 3.15
CA LYS B 341 -8.55 13.96 3.91
C LYS B 341 -9.89 13.43 3.43
N LEU B 342 -10.48 14.08 2.42
CA LEU B 342 -11.82 13.71 1.98
C LEU B 342 -11.82 12.31 1.40
N GLU B 343 -12.76 11.49 1.86
CA GLU B 343 -12.81 10.09 1.48
C GLU B 343 -14.05 9.76 0.68
N THR B 344 -15.22 10.06 1.25
CA THR B 344 -16.48 9.84 0.55
C THR B 344 -17.32 11.11 0.55
N MET B 345 -17.79 11.47 -0.64
CA MET B 345 -18.67 12.62 -0.79
C MET B 345 -19.87 12.25 -1.66
N ASP B 346 -21.06 12.59 -1.19
CA ASP B 346 -22.28 12.32 -1.95
C ASP B 346 -23.24 13.49 -1.75
N VAL B 347 -23.42 14.27 -2.82
CA VAL B 347 -24.32 15.41 -2.79
C VAL B 347 -25.36 15.29 -3.91
N SER B 348 -25.68 14.06 -4.26
CA SER B 348 -26.64 13.79 -5.33
C SER B 348 -28.04 14.29 -4.97
N ASN B 349 -28.90 14.41 -5.99
CA ASN B 349 -30.30 14.77 -5.80
C ASN B 349 -30.45 16.15 -5.18
N ASN B 350 -29.70 17.12 -5.68
CA ASN B 350 -29.83 18.49 -5.22
C ASN B 350 -29.94 19.44 -6.40
N SER B 351 -29.67 20.71 -6.17
CA SER B 351 -29.68 21.68 -7.25
C SER B 351 -28.38 22.48 -7.26
N PHE B 352 -27.28 21.80 -6.95
CA PHE B 352 -25.96 22.42 -6.99
C PHE B 352 -25.61 22.92 -8.38
N THR B 353 -24.82 23.98 -8.43
CA THR B 353 -24.39 24.55 -9.70
C THR B 353 -22.91 24.85 -9.68
N GLY B 354 -22.43 25.55 -10.71
CA GLY B 354 -21.03 25.89 -10.82
C GLY B 354 -20.19 24.67 -11.13
N THR B 355 -18.87 24.83 -11.09
CA THR B 355 -17.98 23.77 -11.49
C THR B 355 -17.73 22.78 -10.35
N ILE B 356 -17.11 21.66 -10.69
CA ILE B 356 -16.65 20.72 -9.70
C ILE B 356 -15.28 21.18 -9.24
N PRO B 357 -15.14 21.47 -7.94
CA PRO B 357 -13.86 21.97 -7.43
C PRO B 357 -12.71 21.02 -7.75
N SER B 358 -11.57 21.58 -8.14
CA SER B 358 -10.43 20.79 -8.60
C SER B 358 -9.68 20.16 -7.43
N SER B 359 -9.99 20.61 -6.22
CA SER B 359 -9.25 20.22 -5.03
C SER B 359 -9.80 18.99 -4.32
N LEU B 360 -10.83 18.35 -4.89
CA LEU B 360 -11.56 17.29 -4.19
C LEU B 360 -10.72 16.09 -3.74
N CYS B 361 -9.71 15.72 -4.53
CA CYS B 361 -8.97 14.49 -4.25
C CYS B 361 -7.54 14.75 -3.78
N HIS B 362 -7.26 16.00 -3.43
CA HIS B 362 -6.00 16.34 -2.76
C HIS B 362 -5.73 15.36 -1.63
N GLY B 363 -4.57 14.72 -1.64
CA GLY B 363 -4.23 13.74 -0.63
C GLY B 363 -4.47 12.31 -1.04
N ASN B 364 -5.10 12.13 -2.20
CA ASN B 364 -5.45 10.80 -2.72
C ASN B 364 -6.15 9.89 -1.71
N LYS B 365 -7.18 10.41 -1.06
CA LYS B 365 -7.98 9.62 -0.13
C LYS B 365 -9.42 9.43 -0.63
N LEU B 366 -9.82 10.24 -1.59
CA LEU B 366 -11.17 10.17 -2.13
C LEU B 366 -11.35 8.89 -2.95
N TYR B 367 -12.29 8.05 -2.54
CA TYR B 367 -12.54 6.80 -3.25
C TYR B 367 -13.98 6.70 -3.74
N LYS B 368 -14.86 7.54 -3.21
CA LYS B 368 -16.25 7.54 -3.63
C LYS B 368 -16.74 8.97 -3.83
N LEU B 369 -17.07 9.30 -5.08
CA LEU B 369 -17.44 10.65 -5.44
C LEU B 369 -18.75 10.63 -6.22
N ILE B 370 -19.83 10.97 -5.54
CA ILE B 370 -21.17 10.85 -6.11
C ILE B 370 -21.85 12.22 -6.22
N LEU B 371 -22.04 12.68 -7.45
CA LEU B 371 -22.53 14.03 -7.71
C LEU B 371 -23.76 14.09 -8.61
N PHE B 372 -24.37 12.94 -8.89
CA PHE B 372 -25.38 12.88 -9.94
C PHE B 372 -26.66 13.61 -9.58
N SER B 373 -27.46 13.94 -10.59
CA SER B 373 -28.72 14.65 -10.43
C SER B 373 -28.54 16.01 -9.77
N ASN B 374 -27.66 16.82 -10.36
CA ASN B 374 -27.54 18.23 -10.00
C ASN B 374 -27.59 19.11 -11.24
N MET B 375 -26.98 20.28 -11.15
CA MET B 375 -26.86 21.15 -12.31
C MET B 375 -25.43 21.69 -12.43
N PHE B 376 -24.47 20.81 -12.16
CA PHE B 376 -23.06 21.13 -12.33
C PHE B 376 -22.71 21.44 -13.79
N GLU B 377 -21.97 22.52 -13.98
CA GLU B 377 -21.58 22.96 -15.31
C GLU B 377 -20.08 22.89 -15.48
N GLY B 378 -19.60 23.25 -16.68
CA GLY B 378 -18.18 23.35 -16.93
C GLY B 378 -17.51 22.02 -17.21
N GLU B 379 -16.20 22.09 -17.46
CA GLU B 379 -15.42 20.92 -17.82
C GLU B 379 -15.10 20.09 -16.59
N LEU B 380 -15.15 18.77 -16.74
CA LEU B 380 -14.58 17.88 -15.72
C LEU B 380 -13.15 18.32 -15.44
N PRO B 381 -12.87 18.73 -14.20
CA PRO B 381 -11.54 19.21 -13.82
C PRO B 381 -10.48 18.14 -14.06
N LYS B 382 -9.33 18.55 -14.60
CA LYS B 382 -8.31 17.60 -15.04
C LYS B 382 -7.66 16.90 -13.85
N SER B 383 -7.74 17.54 -12.69
CA SER B 383 -7.24 16.97 -11.43
C SER B 383 -7.89 15.63 -11.10
N LEU B 384 -9.10 15.42 -11.61
CA LEU B 384 -9.85 14.20 -11.33
C LEU B 384 -9.23 12.97 -11.99
N THR B 385 -8.48 13.19 -13.07
CA THR B 385 -7.83 12.10 -13.78
C THR B 385 -6.55 11.67 -13.07
N ARG B 386 -6.14 12.43 -12.06
CA ARG B 386 -4.97 12.09 -11.26
C ARG B 386 -5.36 11.76 -9.82
N CYS B 387 -6.64 11.44 -9.62
CA CYS B 387 -7.15 11.01 -8.33
C CYS B 387 -6.87 9.53 -8.15
N GLU B 388 -5.70 9.21 -7.62
CA GLU B 388 -5.20 7.84 -7.70
C GLU B 388 -5.98 6.87 -6.80
N SER B 389 -6.87 7.40 -5.96
CA SER B 389 -7.65 6.55 -5.07
C SER B 389 -9.10 6.39 -5.54
N LEU B 390 -9.47 7.07 -6.61
CA LEU B 390 -10.86 7.07 -7.07
C LEU B 390 -11.33 5.66 -7.42
N TRP B 391 -12.52 5.29 -6.96
CA TRP B 391 -13.01 3.93 -7.09
C TRP B 391 -14.42 3.90 -7.70
N ARG B 392 -15.28 4.79 -7.22
CA ARG B 392 -16.64 4.86 -7.72
C ARG B 392 -16.98 6.31 -8.06
N PHE B 393 -17.29 6.56 -9.33
CA PHE B 393 -17.52 7.91 -9.81
C PHE B 393 -18.85 7.97 -10.55
N ARG B 394 -19.83 8.62 -9.92
CA ARG B 394 -21.17 8.73 -10.50
C ARG B 394 -21.60 10.18 -10.62
N SER B 395 -21.63 10.68 -11.85
CA SER B 395 -21.95 12.08 -12.08
C SER B 395 -22.96 12.26 -13.21
N GLN B 396 -23.80 11.26 -13.44
CA GLN B 396 -24.82 11.37 -14.47
C GLN B 396 -25.80 12.50 -14.16
N ASN B 397 -26.60 12.88 -15.16
CA ASN B 397 -27.61 13.92 -14.99
C ASN B 397 -27.06 15.24 -14.46
N ASN B 398 -26.15 15.84 -15.23
CA ASN B 398 -25.67 17.19 -14.96
C ASN B 398 -25.58 17.98 -16.27
N ARG B 399 -24.83 19.07 -16.25
CA ARG B 399 -24.67 19.90 -17.43
C ARG B 399 -23.19 20.11 -17.73
N LEU B 400 -22.39 19.07 -17.48
CA LEU B 400 -20.94 19.13 -17.71
C LEU B 400 -20.63 19.12 -19.20
N ASN B 401 -19.78 20.04 -19.63
CA ASN B 401 -19.46 20.19 -21.04
C ASN B 401 -18.00 19.91 -21.37
N GLY B 402 -17.63 20.16 -22.63
CA GLY B 402 -16.27 19.99 -23.09
C GLY B 402 -15.89 18.54 -23.36
N THR B 403 -14.59 18.31 -23.51
CA THR B 403 -14.07 16.98 -23.78
C THR B 403 -13.69 16.26 -22.49
N ILE B 404 -14.33 15.11 -22.25
CA ILE B 404 -13.93 14.22 -21.16
C ILE B 404 -12.42 14.01 -21.17
N PRO B 405 -11.74 14.54 -20.14
CA PRO B 405 -10.27 14.57 -20.09
C PRO B 405 -9.63 13.19 -20.15
N ILE B 406 -8.42 13.15 -20.69
CA ILE B 406 -7.65 11.93 -20.82
C ILE B 406 -6.84 11.68 -19.55
N GLY B 407 -6.96 10.48 -18.97
CA GLY B 407 -6.20 10.13 -17.79
C GLY B 407 -6.86 9.15 -16.83
N PHE B 408 -8.15 8.90 -17.03
CA PHE B 408 -8.89 8.01 -16.13
C PHE B 408 -8.42 6.56 -16.20
N GLY B 409 -7.87 6.17 -17.34
CA GLY B 409 -7.40 4.81 -17.54
C GLY B 409 -6.13 4.46 -16.79
N SER B 410 -5.55 5.44 -16.12
CA SER B 410 -4.31 5.22 -15.37
C SER B 410 -4.60 5.09 -13.89
N LEU B 411 -5.85 5.32 -13.50
CA LEU B 411 -6.28 5.13 -12.12
C LEU B 411 -6.48 3.64 -11.90
N ARG B 412 -5.79 3.09 -10.91
CA ARG B 412 -5.66 1.65 -10.78
C ARG B 412 -6.72 0.99 -9.90
N ASN B 413 -7.72 1.77 -9.50
CA ASN B 413 -8.81 1.21 -8.70
C ASN B 413 -10.18 1.75 -9.12
N LEU B 414 -10.20 2.43 -10.26
CA LEU B 414 -11.44 2.98 -10.80
C LEU B 414 -12.30 1.86 -11.39
N THR B 415 -13.46 1.60 -10.78
CA THR B 415 -14.25 0.42 -11.14
C THR B 415 -15.62 0.77 -11.71
N PHE B 416 -16.12 1.96 -11.37
CA PHE B 416 -17.47 2.36 -11.74
C PHE B 416 -17.49 3.82 -12.19
N VAL B 417 -17.87 4.05 -13.44
CA VAL B 417 -17.95 5.41 -13.96
C VAL B 417 -19.25 5.66 -14.70
N ASP B 418 -20.01 6.64 -14.22
CA ASP B 418 -21.27 7.01 -14.87
C ASP B 418 -21.22 8.50 -15.19
N LEU B 419 -21.02 8.82 -16.45
CA LEU B 419 -20.98 10.21 -16.91
C LEU B 419 -22.13 10.46 -17.87
N SER B 420 -23.14 9.59 -17.82
CA SER B 420 -24.25 9.65 -18.75
C SER B 420 -25.15 10.87 -18.53
N ASN B 421 -26.01 11.14 -19.51
CA ASN B 421 -26.89 12.31 -19.50
C ASN B 421 -26.19 13.60 -19.09
N ASN B 422 -25.11 13.92 -19.79
CA ASN B 422 -24.46 15.21 -19.63
C ASN B 422 -24.41 15.96 -20.97
N ARG B 423 -23.42 16.83 -21.13
CA ARG B 423 -23.30 17.61 -22.35
C ARG B 423 -21.88 17.62 -22.90
N PHE B 424 -21.21 16.48 -22.75
CA PHE B 424 -19.84 16.28 -23.22
C PHE B 424 -19.75 16.33 -24.76
N THR B 425 -18.62 16.74 -25.29
CA THR B 425 -18.47 16.80 -26.74
C THR B 425 -17.17 16.15 -27.23
N ASP B 426 -16.95 16.24 -28.54
CA ASP B 426 -15.81 15.61 -29.20
C ASP B 426 -15.46 14.20 -28.73
N GLN B 427 -14.16 13.94 -28.62
CA GLN B 427 -13.66 12.57 -28.55
C GLN B 427 -13.93 11.86 -27.23
N ILE B 428 -14.01 10.53 -27.30
CA ILE B 428 -14.08 9.69 -26.12
C ILE B 428 -12.67 9.30 -25.74
N PRO B 429 -12.28 9.57 -24.49
CA PRO B 429 -10.90 9.27 -24.06
C PRO B 429 -10.55 7.80 -24.28
N ALA B 430 -9.40 7.57 -24.91
CA ALA B 430 -8.98 6.23 -25.29
C ALA B 430 -8.48 5.45 -24.08
N ASP B 431 -8.33 6.15 -22.96
CA ASP B 431 -7.81 5.54 -21.74
C ASP B 431 -8.78 4.53 -21.15
N PHE B 432 -10.05 4.87 -21.18
CA PHE B 432 -11.13 3.99 -20.72
C PHE B 432 -10.93 2.54 -21.15
N ALA B 433 -10.52 2.37 -22.41
CA ALA B 433 -10.21 1.04 -22.94
C ALA B 433 -9.13 0.33 -22.13
N THR B 434 -8.18 1.07 -21.59
CA THR B 434 -7.07 0.47 -20.86
C THR B 434 -7.13 0.69 -19.36
N ALA B 435 -8.31 1.06 -18.86
CA ALA B 435 -8.53 1.11 -17.41
C ALA B 435 -8.49 -0.31 -16.86
N PRO B 436 -7.64 -0.55 -15.86
CA PRO B 436 -7.31 -1.93 -15.45
C PRO B 436 -8.43 -2.69 -14.75
N VAL B 437 -9.32 -2.01 -14.05
CA VAL B 437 -10.35 -2.70 -13.27
C VAL B 437 -11.75 -2.14 -13.49
N LEU B 438 -11.87 -1.22 -14.45
CA LEU B 438 -13.16 -0.61 -14.76
C LEU B 438 -14.19 -1.66 -15.16
N GLN B 439 -15.30 -1.72 -14.41
CA GLN B 439 -16.32 -2.74 -14.63
C GLN B 439 -17.60 -2.15 -15.22
N TYR B 440 -17.81 -0.86 -14.98
CA TYR B 440 -19.01 -0.19 -15.46
C TYR B 440 -18.65 1.16 -16.06
N LEU B 441 -19.17 1.42 -17.26
CA LEU B 441 -18.95 2.68 -17.96
C LEU B 441 -20.18 2.99 -18.80
N ASN B 442 -20.87 4.10 -18.52
CA ASN B 442 -22.09 4.38 -19.24
C ASN B 442 -21.88 5.35 -20.41
N LEU B 443 -21.70 6.64 -20.14
CA LEU B 443 -21.50 7.66 -21.18
C LEU B 443 -22.71 7.93 -22.09
N SER B 444 -23.85 7.29 -21.83
CA SER B 444 -25.03 7.49 -22.67
C SER B 444 -25.53 8.92 -22.63
N THR B 445 -26.19 9.35 -23.71
CA THR B 445 -26.84 10.65 -23.77
C THR B 445 -25.79 11.74 -23.60
N ASN B 446 -24.96 11.96 -24.63
CA ASN B 446 -23.79 12.81 -24.42
C ASN B 446 -23.18 13.56 -25.61
N PHE B 447 -23.81 13.60 -26.77
CA PHE B 447 -23.34 14.46 -27.87
C PHE B 447 -21.86 14.35 -28.30
N PHE B 448 -21.34 13.14 -28.51
CA PHE B 448 -19.93 13.04 -28.89
C PHE B 448 -19.64 13.46 -30.33
N HIS B 449 -20.41 12.94 -31.29
CA HIS B 449 -20.17 13.17 -32.72
C HIS B 449 -18.78 12.69 -33.11
N ARG B 450 -18.34 11.60 -32.47
CA ARG B 450 -17.07 10.95 -32.79
C ARG B 450 -17.22 9.44 -32.78
N LYS B 451 -16.24 8.76 -33.39
CA LYS B 451 -16.19 7.31 -33.41
C LYS B 451 -15.99 6.76 -31.99
N LEU B 452 -16.37 5.51 -31.78
CA LEU B 452 -15.92 4.79 -30.59
C LEU B 452 -14.41 4.69 -30.63
N PRO B 453 -13.76 4.69 -29.45
CA PRO B 453 -12.32 4.45 -29.41
C PRO B 453 -12.06 3.13 -30.10
N GLU B 454 -11.01 3.02 -30.92
CA GLU B 454 -11.00 1.96 -31.93
C GLU B 454 -10.63 0.61 -31.33
N ASN B 455 -10.32 0.60 -30.04
CA ASN B 455 -10.14 -0.64 -29.29
C ASN B 455 -10.83 -0.65 -27.94
N ILE B 456 -12.09 -0.22 -27.93
CA ILE B 456 -12.90 -0.24 -26.71
C ILE B 456 -13.12 -1.66 -26.16
N TRP B 457 -13.29 -2.63 -27.05
CA TRP B 457 -13.58 -4.00 -26.64
C TRP B 457 -12.33 -4.80 -26.23
N LYS B 458 -11.21 -4.10 -26.03
CA LYS B 458 -10.00 -4.72 -25.49
C LYS B 458 -9.95 -4.60 -23.97
N ALA B 459 -10.91 -3.86 -23.43
CA ALA B 459 -10.99 -3.58 -22.00
C ALA B 459 -11.10 -4.85 -21.16
N PRO B 460 -10.12 -5.06 -20.25
CA PRO B 460 -9.94 -6.29 -19.47
C PRO B 460 -11.11 -6.68 -18.56
N ASN B 461 -11.69 -5.73 -17.82
CA ASN B 461 -12.81 -6.06 -16.93
C ASN B 461 -14.09 -5.26 -17.10
N LEU B 462 -14.31 -4.67 -18.27
CA LEU B 462 -15.53 -3.89 -18.49
C LEU B 462 -16.70 -4.83 -18.71
N GLN B 463 -17.70 -4.77 -17.83
CA GLN B 463 -18.81 -5.71 -17.89
C GLN B 463 -20.04 -5.06 -18.52
N ILE B 464 -20.22 -3.78 -18.23
CA ILE B 464 -21.38 -3.03 -18.70
C ILE B 464 -20.94 -1.74 -19.37
N PHE B 465 -21.18 -1.63 -20.68
CA PHE B 465 -20.83 -0.44 -21.43
C PHE B 465 -22.05 0.09 -22.17
N SER B 466 -22.39 1.36 -21.95
CA SER B 466 -23.66 1.89 -22.44
C SER B 466 -23.61 3.25 -23.12
N ALA B 467 -22.86 3.38 -24.22
CA ALA B 467 -22.84 4.65 -24.94
C ALA B 467 -24.05 4.79 -25.86
N SER B 468 -25.24 4.89 -25.27
CA SER B 468 -26.48 4.99 -26.03
C SER B 468 -26.96 6.44 -26.17
N PHE B 469 -27.49 6.77 -27.34
CA PHE B 469 -27.97 8.12 -27.64
C PHE B 469 -26.92 9.18 -27.34
N SER B 470 -25.67 8.87 -27.61
CA SER B 470 -24.56 9.78 -27.35
C SER B 470 -23.97 10.31 -28.66
N ASN B 471 -24.80 10.33 -29.70
CA ASN B 471 -24.40 10.79 -31.03
C ASN B 471 -23.10 10.18 -31.53
N LEU B 472 -22.95 8.86 -31.38
CA LEU B 472 -21.79 8.17 -31.90
C LEU B 472 -21.88 8.08 -33.43
N ILE B 473 -20.73 7.98 -34.08
CA ILE B 473 -20.68 7.83 -35.53
C ILE B 473 -19.61 6.82 -35.92
N GLY B 474 -19.63 6.41 -37.18
CA GLY B 474 -18.61 5.51 -37.70
C GLY B 474 -18.96 4.05 -37.47
N GLU B 475 -18.06 3.15 -37.83
CA GLU B 475 -18.33 1.73 -37.72
C GLU B 475 -18.08 1.22 -36.30
N ILE B 476 -18.75 0.13 -35.94
CA ILE B 476 -18.48 -0.55 -34.70
C ILE B 476 -17.16 -1.30 -34.87
N PRO B 477 -16.14 -0.98 -34.05
CA PRO B 477 -14.80 -1.59 -34.17
C PRO B 477 -14.85 -3.10 -33.89
N ASN B 478 -13.92 -3.90 -34.43
CA ASN B 478 -14.09 -5.36 -34.29
C ASN B 478 -14.01 -5.82 -32.84
N TYR B 479 -14.81 -6.82 -32.52
CA TYR B 479 -14.96 -7.32 -31.16
C TYR B 479 -13.83 -8.23 -30.70
N VAL B 480 -12.60 -7.97 -31.13
CA VAL B 480 -11.48 -8.81 -30.73
C VAL B 480 -11.23 -8.61 -29.23
N GLY B 481 -11.04 -9.71 -28.51
CA GLY B 481 -10.92 -9.68 -27.07
C GLY B 481 -12.26 -9.90 -26.40
N CYS B 482 -12.99 -8.81 -26.16
CA CYS B 482 -14.32 -8.84 -25.56
C CYS B 482 -14.40 -9.78 -24.36
N LYS B 483 -13.50 -9.59 -23.41
CA LYS B 483 -13.27 -10.57 -22.35
C LYS B 483 -14.42 -10.71 -21.35
N SER B 484 -14.90 -9.59 -20.85
CA SER B 484 -15.80 -9.60 -19.69
C SER B 484 -17.19 -9.01 -19.93
N PHE B 485 -17.35 -8.31 -21.06
CA PHE B 485 -18.62 -7.68 -21.41
C PHE B 485 -19.83 -8.62 -21.29
N TYR B 486 -20.87 -8.19 -20.59
CA TYR B 486 -22.12 -8.95 -20.59
C TYR B 486 -23.32 -8.08 -20.94
N ARG B 487 -23.12 -6.76 -20.95
CA ARG B 487 -24.13 -5.83 -21.40
C ARG B 487 -23.55 -4.72 -22.25
N ILE B 488 -24.03 -4.62 -23.49
CA ILE B 488 -23.57 -3.60 -24.41
C ILE B 488 -24.74 -2.80 -24.98
N GLU B 489 -24.74 -1.50 -24.74
CA GLU B 489 -25.81 -0.64 -25.23
C GLU B 489 -25.23 0.45 -26.12
N LEU B 490 -25.52 0.38 -27.42
CA LEU B 490 -25.04 1.39 -28.36
C LEU B 490 -26.18 1.88 -29.24
N GLN B 491 -27.41 1.75 -28.74
CA GLN B 491 -28.58 2.10 -29.52
C GLN B 491 -28.76 3.60 -29.65
N GLY B 492 -29.47 4.03 -30.68
CA GLY B 492 -29.77 5.43 -30.88
C GLY B 492 -28.60 6.30 -31.28
N ASN B 493 -27.76 5.79 -32.17
CA ASN B 493 -26.67 6.59 -32.71
C ASN B 493 -26.70 6.59 -34.24
N SER B 494 -25.57 6.92 -34.85
CA SER B 494 -25.45 6.95 -36.30
C SER B 494 -24.35 6.00 -36.77
N LEU B 495 -24.12 4.95 -35.99
CA LEU B 495 -23.13 3.94 -36.31
C LEU B 495 -23.41 3.31 -37.67
N ASN B 496 -22.53 3.52 -38.65
CA ASN B 496 -22.78 2.94 -39.96
C ASN B 496 -21.87 1.73 -40.23
N GLY B 497 -21.92 1.20 -41.44
CA GLY B 497 -21.21 -0.02 -41.78
C GLY B 497 -21.89 -1.29 -41.31
N THR B 498 -21.09 -2.35 -41.13
CA THR B 498 -21.60 -3.68 -40.82
C THR B 498 -21.33 -4.05 -39.36
N ILE B 499 -22.22 -4.83 -38.74
CA ILE B 499 -21.94 -5.39 -37.43
C ILE B 499 -20.77 -6.37 -37.56
N PRO B 500 -19.70 -6.15 -36.78
CA PRO B 500 -18.51 -7.00 -36.84
C PRO B 500 -18.84 -8.48 -36.73
N TRP B 501 -18.22 -9.23 -37.63
CA TRP B 501 -18.48 -10.65 -37.82
C TRP B 501 -17.81 -11.55 -36.80
N ASP B 502 -17.09 -10.94 -35.87
CA ASP B 502 -16.34 -11.68 -34.87
C ASP B 502 -16.89 -11.47 -33.47
N ILE B 503 -18.19 -11.19 -33.38
CA ILE B 503 -18.85 -10.89 -32.12
C ILE B 503 -18.80 -12.06 -31.13
N GLY B 504 -18.47 -13.25 -31.62
CA GLY B 504 -18.43 -14.44 -30.79
C GLY B 504 -17.31 -14.45 -29.76
N HIS B 505 -16.45 -13.44 -29.81
CA HIS B 505 -15.42 -13.28 -28.78
C HIS B 505 -16.03 -12.84 -27.45
N CYS B 506 -17.28 -12.37 -27.50
CA CYS B 506 -17.98 -11.92 -26.29
C CYS B 506 -18.72 -13.08 -25.63
N GLU B 507 -17.99 -14.05 -25.10
CA GLU B 507 -18.60 -15.27 -24.59
C GLU B 507 -19.43 -15.03 -23.32
N LYS B 508 -19.28 -13.86 -22.72
CA LYS B 508 -20.02 -13.52 -21.51
C LYS B 508 -21.27 -12.67 -21.80
N LEU B 509 -21.45 -12.29 -23.06
CA LEU B 509 -22.55 -11.42 -23.46
C LEU B 509 -23.93 -11.93 -23.09
N LEU B 510 -24.77 -11.04 -22.57
CA LEU B 510 -26.15 -11.36 -22.22
C LEU B 510 -27.13 -10.45 -22.97
N CYS B 511 -26.79 -9.16 -23.03
CA CYS B 511 -27.68 -8.17 -23.63
C CYS B 511 -26.93 -7.28 -24.62
N LEU B 512 -27.43 -7.22 -25.84
CA LEU B 512 -26.85 -6.39 -26.88
C LEU B 512 -27.92 -5.52 -27.52
N ASN B 513 -27.73 -4.20 -27.45
CA ASN B 513 -28.65 -3.29 -28.12
C ASN B 513 -27.91 -2.39 -29.10
N LEU B 514 -28.08 -2.68 -30.38
CA LEU B 514 -27.50 -1.85 -31.44
C LEU B 514 -28.61 -1.22 -32.27
N SER B 515 -29.83 -1.23 -31.73
CA SER B 515 -30.99 -0.69 -32.43
C SER B 515 -30.86 0.80 -32.72
N GLN B 516 -31.72 1.29 -33.61
CA GLN B 516 -31.74 2.69 -34.00
C GLN B 516 -30.36 3.22 -34.40
N ASN B 517 -29.75 2.56 -35.37
CA ASN B 517 -28.51 3.05 -35.98
C ASN B 517 -28.62 3.02 -37.49
N HIS B 518 -27.49 2.94 -38.17
CA HIS B 518 -27.46 2.88 -39.63
C HIS B 518 -26.69 1.65 -40.09
N LEU B 519 -26.81 0.56 -39.33
CA LEU B 519 -26.08 -0.66 -39.62
C LEU B 519 -26.70 -1.41 -40.79
N ASN B 520 -25.93 -1.59 -41.86
CA ASN B 520 -26.38 -2.38 -42.99
C ASN B 520 -25.64 -3.70 -43.02
N GLY B 521 -25.87 -4.48 -44.07
CA GLY B 521 -25.23 -5.78 -44.18
C GLY B 521 -25.95 -6.82 -43.36
N ILE B 522 -25.27 -7.95 -43.14
CA ILE B 522 -25.90 -9.14 -42.59
C ILE B 522 -25.85 -9.20 -41.08
N ILE B 523 -26.76 -10.00 -40.50
CA ILE B 523 -26.68 -10.32 -39.08
C ILE B 523 -25.51 -11.28 -38.91
N PRO B 524 -24.56 -10.92 -38.04
CA PRO B 524 -23.40 -11.79 -37.88
C PRO B 524 -23.81 -13.15 -37.30
N TRP B 525 -23.67 -14.18 -38.13
CA TRP B 525 -23.99 -15.56 -37.77
C TRP B 525 -23.35 -15.99 -36.45
N GLU B 526 -22.17 -15.45 -36.15
CA GLU B 526 -21.40 -15.87 -34.99
C GLU B 526 -22.08 -15.51 -33.66
N ILE B 527 -23.25 -14.90 -33.74
CA ILE B 527 -24.07 -14.65 -32.54
C ILE B 527 -24.60 -15.97 -32.00
N SER B 528 -24.96 -16.87 -32.91
CA SER B 528 -25.43 -18.21 -32.56
C SER B 528 -24.41 -19.01 -31.75
N THR B 529 -23.18 -18.50 -31.69
CA THR B 529 -22.08 -19.21 -31.04
C THR B 529 -22.03 -18.84 -29.55
N LEU B 530 -22.86 -17.90 -29.13
CA LEU B 530 -22.75 -17.36 -27.79
C LEU B 530 -23.50 -18.24 -26.78
N PRO B 531 -22.79 -18.66 -25.72
CA PRO B 531 -23.28 -19.59 -24.69
C PRO B 531 -24.45 -19.06 -23.87
N SER B 532 -24.50 -17.76 -23.64
CA SER B 532 -25.43 -17.21 -22.65
C SER B 532 -26.25 -16.03 -23.17
N ILE B 533 -26.08 -15.69 -24.44
CA ILE B 533 -26.79 -14.54 -25.02
C ILE B 533 -28.30 -14.64 -24.80
N ALA B 534 -28.89 -13.59 -24.26
CA ALA B 534 -30.30 -13.60 -23.90
C ALA B 534 -31.11 -12.55 -24.66
N ASP B 535 -30.69 -11.29 -24.55
CA ASP B 535 -31.42 -10.19 -25.17
C ASP B 535 -30.63 -9.57 -26.29
N VAL B 536 -31.19 -9.58 -27.50
CA VAL B 536 -30.55 -8.94 -28.65
C VAL B 536 -31.54 -8.02 -29.35
N ASP B 537 -31.14 -6.77 -29.55
CA ASP B 537 -31.99 -5.81 -30.23
C ASP B 537 -31.21 -5.15 -31.36
N LEU B 538 -31.59 -5.46 -32.59
CA LEU B 538 -30.96 -4.90 -33.77
C LEU B 538 -31.97 -4.12 -34.60
N SER B 539 -33.09 -3.77 -33.99
CA SER B 539 -34.20 -3.15 -34.69
C SER B 539 -33.87 -1.75 -35.19
N HIS B 540 -34.69 -1.25 -36.11
CA HIS B 540 -34.48 0.07 -36.72
C HIS B 540 -33.07 0.23 -37.28
N ASN B 541 -32.73 -0.57 -38.27
CA ASN B 541 -31.46 -0.46 -38.97
C ASN B 541 -31.67 -0.68 -40.45
N LEU B 542 -30.63 -1.12 -41.14
CA LEU B 542 -30.73 -1.42 -42.56
C LEU B 542 -30.17 -2.80 -42.85
N LEU B 543 -30.38 -3.73 -41.92
CA LEU B 543 -29.86 -5.08 -42.07
C LEU B 543 -30.57 -5.81 -43.20
N THR B 544 -29.82 -6.68 -43.89
CA THR B 544 -30.38 -7.49 -44.95
C THR B 544 -29.95 -8.94 -44.76
N GLY B 545 -30.50 -9.82 -45.59
CA GLY B 545 -30.13 -11.22 -45.53
C GLY B 545 -31.01 -12.04 -44.61
N THR B 546 -30.70 -13.33 -44.53
CA THR B 546 -31.46 -14.24 -43.68
C THR B 546 -31.18 -14.02 -42.20
N ILE B 547 -32.14 -14.39 -41.36
CA ILE B 547 -31.83 -14.75 -39.99
C ILE B 547 -31.32 -16.18 -40.04
N PRO B 548 -30.02 -16.37 -39.75
CA PRO B 548 -29.40 -17.70 -39.80
C PRO B 548 -30.21 -18.74 -39.02
N SER B 549 -30.65 -19.79 -39.70
CA SER B 549 -31.56 -20.77 -39.11
C SER B 549 -30.97 -21.48 -37.89
N ASP B 550 -29.66 -21.36 -37.70
CA ASP B 550 -29.00 -21.96 -36.55
C ASP B 550 -29.35 -21.23 -35.25
N PHE B 551 -29.88 -20.02 -35.38
CA PHE B 551 -30.41 -19.28 -34.23
C PHE B 551 -31.51 -20.06 -33.54
N GLY B 552 -32.28 -20.82 -34.33
CA GLY B 552 -33.39 -21.58 -33.80
C GLY B 552 -32.98 -22.66 -32.82
N SER B 553 -31.69 -22.98 -32.78
CA SER B 553 -31.19 -24.01 -31.89
C SER B 553 -30.53 -23.41 -30.66
N SER B 554 -30.52 -22.09 -30.58
CA SER B 554 -30.11 -21.43 -29.35
C SER B 554 -31.09 -21.81 -28.26
N LYS B 555 -30.61 -21.98 -27.03
CA LYS B 555 -31.52 -22.23 -25.93
C LYS B 555 -31.26 -21.23 -24.81
N THR B 556 -31.02 -19.98 -25.19
CA THR B 556 -30.84 -18.90 -24.23
C THR B 556 -31.51 -17.61 -24.71
N ILE B 557 -31.65 -17.46 -26.02
CA ILE B 557 -32.24 -16.25 -26.58
C ILE B 557 -33.71 -16.12 -26.18
N THR B 558 -34.02 -15.02 -25.49
CA THR B 558 -35.37 -14.74 -25.03
C THR B 558 -35.97 -13.59 -25.83
N THR B 559 -35.12 -12.64 -26.20
CA THR B 559 -35.55 -11.50 -26.99
C THR B 559 -34.65 -11.34 -28.22
N PHE B 560 -35.27 -11.21 -29.39
CA PHE B 560 -34.54 -11.02 -30.63
C PHE B 560 -35.27 -10.04 -31.54
N ASN B 561 -35.18 -8.76 -31.21
CA ASN B 561 -35.87 -7.73 -31.98
C ASN B 561 -35.06 -7.26 -33.19
N VAL B 562 -35.60 -7.53 -34.37
CA VAL B 562 -34.94 -7.17 -35.62
C VAL B 562 -35.93 -6.44 -36.52
N SER B 563 -37.04 -6.02 -35.93
CA SER B 563 -38.08 -5.29 -36.65
C SER B 563 -37.52 -4.05 -37.34
N TYR B 564 -38.32 -3.51 -38.26
CA TYR B 564 -37.93 -2.35 -39.06
C TYR B 564 -36.52 -2.51 -39.63
N ASN B 565 -36.34 -3.58 -40.40
CA ASN B 565 -35.11 -3.82 -41.15
C ASN B 565 -35.46 -4.28 -42.55
N GLN B 566 -34.46 -4.72 -43.30
CA GLN B 566 -34.70 -5.20 -44.65
C GLN B 566 -34.32 -6.68 -44.77
N LEU B 567 -34.70 -7.47 -43.78
CA LEU B 567 -34.39 -8.90 -43.78
C LEU B 567 -35.28 -9.66 -44.76
N ILE B 568 -34.80 -10.82 -45.17
CA ILE B 568 -35.50 -11.67 -46.12
C ILE B 568 -35.41 -13.15 -45.72
N GLY B 569 -36.23 -13.99 -46.34
CA GLY B 569 -36.22 -15.41 -46.06
C GLY B 569 -37.04 -15.79 -44.84
N PRO B 570 -37.10 -17.09 -44.53
CA PRO B 570 -37.90 -17.59 -43.40
C PRO B 570 -37.28 -17.27 -42.04
N ILE B 571 -38.14 -17.03 -41.06
CA ILE B 571 -37.72 -16.91 -39.67
C ILE B 571 -37.37 -18.32 -39.17
N PRO B 572 -36.30 -18.47 -38.39
CA PRO B 572 -35.99 -19.84 -37.92
C PRO B 572 -37.08 -20.47 -37.03
N SER B 573 -37.10 -21.80 -36.96
CA SER B 573 -38.01 -22.50 -36.06
C SER B 573 -37.28 -22.81 -34.75
N GLY B 574 -37.51 -23.99 -34.21
CA GLY B 574 -36.83 -24.40 -32.99
C GLY B 574 -37.26 -23.62 -31.77
N SER B 575 -36.43 -22.65 -31.36
CA SER B 575 -36.73 -21.83 -30.20
C SER B 575 -37.08 -20.41 -30.61
N PHE B 576 -37.39 -20.24 -31.89
CA PHE B 576 -37.85 -18.96 -32.40
C PHE B 576 -39.35 -19.05 -32.65
N ALA B 577 -39.88 -20.26 -32.53
CA ALA B 577 -41.30 -20.53 -32.75
C ALA B 577 -42.16 -19.94 -31.64
N HIS B 578 -41.53 -19.62 -30.52
CA HIS B 578 -42.27 -19.12 -29.36
C HIS B 578 -41.83 -17.70 -29.01
N LEU B 579 -41.28 -17.00 -30.00
CA LEU B 579 -40.91 -15.59 -29.84
C LEU B 579 -42.05 -14.68 -30.26
N ASN B 580 -42.05 -13.47 -29.73
CA ASN B 580 -43.03 -12.46 -30.12
C ASN B 580 -42.92 -12.11 -31.60
N PRO B 581 -44.01 -12.29 -32.36
CA PRO B 581 -44.03 -11.95 -33.79
C PRO B 581 -43.72 -10.47 -34.04
N SER B 582 -44.00 -9.62 -33.06
CA SER B 582 -43.67 -8.20 -33.13
C SER B 582 -42.19 -7.95 -33.45
N PHE B 583 -41.33 -8.88 -33.04
CA PHE B 583 -39.89 -8.78 -33.25
C PHE B 583 -39.49 -8.76 -34.72
N PHE B 584 -40.46 -8.70 -35.63
CA PHE B 584 -40.18 -8.69 -37.05
C PHE B 584 -41.10 -7.73 -37.80
N SER B 585 -40.61 -7.25 -38.94
CA SER B 585 -41.33 -6.29 -39.78
C SER B 585 -40.58 -6.13 -41.09
N SER B 586 -40.11 -7.25 -41.63
CA SER B 586 -39.41 -7.26 -42.90
C SER B 586 -40.15 -8.11 -43.92
N ASN B 587 -39.80 -9.40 -44.00
CA ASN B 587 -40.46 -10.31 -44.95
C ASN B 587 -40.99 -11.63 -44.37
N GLU B 588 -41.24 -12.57 -45.28
CA GLU B 588 -41.66 -13.95 -45.05
C GLU B 588 -41.23 -14.57 -43.72
N GLY B 589 -42.11 -15.38 -43.13
CA GLY B 589 -41.80 -16.14 -41.93
C GLY B 589 -42.63 -17.41 -41.79
N LEU B 590 -41.94 -18.54 -41.78
CA LEU B 590 -42.56 -19.86 -41.63
C LEU B 590 -43.61 -19.92 -40.52
N CYS B 591 -44.85 -19.61 -40.88
CA CYS B 591 -46.01 -19.76 -40.00
C CYS B 591 -46.07 -18.70 -38.90
N GLY B 592 -44.91 -18.19 -38.46
CA GLY B 592 -44.85 -17.14 -37.45
C GLY B 592 -45.75 -15.94 -37.73
N ASP B 593 -46.17 -15.78 -38.99
CA ASP B 593 -47.18 -14.79 -39.39
C ASP B 593 -47.59 -14.89 -40.87
N LEU B 594 -46.61 -14.99 -41.77
CA LEU B 594 -46.86 -15.01 -43.22
C LEU B 594 -46.27 -16.26 -43.87
N VAL B 595 -47.10 -17.06 -44.53
CA VAL B 595 -46.65 -18.33 -45.12
C VAL B 595 -45.55 -18.17 -46.15
N GLY B 596 -44.72 -19.21 -46.28
CA GLY B 596 -43.65 -19.24 -47.27
C GLY B 596 -43.77 -20.38 -48.25
C1 NAG C . 17.36 12.97 -28.34
C2 NAG C . 17.07 14.09 -27.32
C3 NAG C . 16.83 13.52 -25.93
C4 NAG C . 15.75 12.44 -25.97
C5 NAG C . 16.18 11.37 -26.96
C6 NAG C . 15.17 10.25 -27.09
C7 NAG C . 17.96 16.38 -27.32
C8 NAG C . 19.19 17.24 -27.28
N2 NAG C . 18.15 15.06 -27.29
O3 NAG C . 16.42 14.57 -25.04
O4 NAG C . 15.57 11.88 -24.68
O5 NAG C . 16.33 11.96 -28.26
O6 NAG C . 14.55 10.26 -28.37
O7 NAG C . 16.83 16.88 -27.40
C1 NAG D . 38.87 2.83 17.72
C2 NAG D . 40.28 2.26 17.71
C3 NAG D . 40.72 1.90 19.14
C4 NAG D . 39.51 1.51 20.00
C5 NAG D . 38.49 2.65 20.08
C6 NAG D . 38.66 3.50 21.32
C7 NAG D . 41.08 1.10 15.71
C8 NAG D . 41.07 -0.19 14.93
N2 NAG D . 40.38 1.09 16.85
O3 NAG D . 41.40 3.01 19.72
O4 NAG D . 38.90 0.33 19.50
O5 NAG D . 38.64 3.53 18.95
O6 NAG D . 37.99 4.75 21.19
O7 NAG D . 41.72 2.07 15.34
C1 NAG E . 25.26 -17.17 12.60
C2 NAG E . 26.01 -17.50 11.30
C3 NAG E . 27.45 -17.95 11.58
C4 NAG E . 28.16 -16.98 12.51
C5 NAG E . 27.35 -16.84 13.78
C6 NAG E . 27.96 -15.91 14.79
C7 NAG E . 24.74 -18.34 9.36
C8 NAG E . 24.07 -19.53 8.75
N2 NAG E . 25.31 -18.53 10.56
O3 NAG E . 28.16 -18.05 10.35
O4 NAG E . 29.46 -17.45 12.82
O5 NAG E . 26.07 -16.30 13.43
O6 NAG E . 27.28 -14.66 14.86
O7 NAG E . 24.76 -17.24 8.81
C1 NAG F . 16.27 -33.46 29.94
C2 NAG F . 16.09 -32.19 30.79
C3 NAG F . 15.27 -32.54 32.05
C4 NAG F . 13.96 -33.21 31.65
C5 NAG F . 14.24 -34.41 30.73
C6 NAG F . 12.98 -35.09 30.25
C7 NAG F . 17.59 -30.30 31.29
C8 NAG F . 16.44 -29.40 30.99
N2 NAG F . 17.38 -31.62 31.17
O3 NAG F . 15.01 -31.38 32.82
O4 NAG F . 13.28 -33.67 32.81
O5 NAG F . 14.97 -33.98 29.57
O6 NAG F . 12.57 -36.10 31.16
O7 NAG F . 18.69 -29.86 31.63
C1 NAG G . 35.93 -2.48 8.81
C2 NAG G . 37.32 -1.99 9.23
C3 NAG G . 38.38 -2.59 8.31
C4 NAG G . 38.22 -4.11 8.18
C5 NAG G . 36.77 -4.48 7.89
C6 NAG G . 36.50 -5.96 7.93
C7 NAG G . 37.31 0.24 10.28
C8 NAG G . 37.51 1.71 10.05
N2 NAG G . 37.42 -0.53 9.21
O3 NAG G . 39.69 -2.26 8.77
O4 NAG G . 39.03 -4.58 7.12
O5 NAG G . 35.91 -3.89 8.87
O6 NAG G . 35.11 -6.21 8.05
O7 NAG G . 37.05 -0.21 11.39
C1 NAG H . -16.98 -10.24 29.69
C2 NAG H . -16.37 -8.84 29.84
C3 NAG H . -16.16 -8.19 28.46
C4 NAG H . -15.34 -9.12 27.57
C5 NAG H . -16.04 -10.47 27.47
C6 NAG H . -15.26 -11.48 26.64
C7 NAG H . -16.71 -7.20 31.64
C8 NAG H . -17.71 -6.39 32.40
N2 NAG H . -17.20 -7.99 30.67
O3 NAG H . -15.48 -6.95 28.62
O4 NAG H . -15.20 -8.55 26.28
O5 NAG H . -16.18 -11.03 28.78
O6 NAG H . -14.81 -12.56 27.45
O7 NAG H . -15.51 -7.16 31.89
C1 NAG I . -35.13 23.68 -5.36
C2 NAG I . -36.57 23.53 -5.86
C3 NAG I . -36.74 24.23 -7.20
C4 NAG I . -36.27 25.68 -7.12
C5 NAG I . -34.83 25.71 -6.62
C6 NAG I . -34.30 27.12 -6.44
C7 NAG I . -37.92 21.58 -5.23
C8 NAG I . -38.16 20.12 -5.47
N2 NAG I . -36.93 22.13 -5.95
O3 NAG I . -38.12 24.20 -7.57
O4 NAG I . -36.33 26.28 -8.42
O5 NAG I . -34.77 25.08 -5.33
O6 NAG I . -34.59 27.63 -5.15
O7 NAG I . -38.58 22.22 -4.42
C1 NAG J . -26.93 4.72 -18.71
C2 NAG J . -27.86 3.64 -18.10
C3 NAG J . -29.32 3.86 -18.54
C4 NAG J . -29.75 5.29 -18.27
C5 NAG J . -28.81 6.24 -18.99
C6 NAG J . -29.17 7.69 -18.81
C7 NAG J . -26.92 1.44 -17.59
C8 NAG J . -26.54 0.10 -18.16
N2 NAG J . -27.42 2.31 -18.47
O3 NAG J . -30.16 2.96 -17.84
O4 NAG J . -31.08 5.50 -18.71
O5 NAG J . -27.48 6.04 -18.47
O6 NAG J . -28.11 8.44 -18.22
O7 NAG J . -26.76 1.70 -16.41
C1 NAG K . -20.16 6.04 -43.22
C2 NAG K . -19.32 7.21 -42.71
C3 NAG K . -18.32 7.63 -43.79
C4 NAG K . -17.28 6.53 -43.98
C5 NAG K . -17.90 5.14 -43.95
C6 NAG K . -17.62 4.34 -42.70
C7 NAG K . -19.89 9.18 -41.33
C8 NAG K . -18.66 8.89 -40.53
N2 NAG K . -20.16 8.34 -42.34
O3 NAG K . -17.70 8.86 -43.47
O4 NAG K . -16.61 6.73 -45.23
O5 NAG K . -19.34 5.18 -44.13
O6 NAG K . -17.71 2.95 -42.94
O7 NAG K . -20.63 10.12 -41.06
C1 NAG L . -34.56 12.67 -4.02
C2 NAG L . -35.79 13.56 -3.82
C3 NAG L . -37.02 12.68 -3.60
C4 NAG L . -37.15 11.61 -4.68
C5 NAG L . -35.83 10.87 -4.86
C6 NAG L . -35.84 9.91 -6.03
C7 NAG L . -35.11 15.70 -2.80
C8 NAG L . -35.09 16.50 -1.54
N2 NAG L . -35.63 14.48 -2.71
O3 NAG L . -38.20 13.48 -3.54
O4 NAG L . -38.15 10.66 -4.29
O5 NAG L . -34.78 11.81 -5.12
O6 NAG L . -34.52 9.49 -6.35
O7 NAG L . -34.66 16.14 -3.86
#